data_5O8P
#
_entry.id   5O8P
#
_cell.length_a   164.090
_cell.length_b   164.090
_cell.length_c   168.540
_cell.angle_alpha   90.00
_cell.angle_beta   90.00
_cell.angle_gamma   90.00
#
_symmetry.space_group_name_H-M   'P 41 21 2'
#
loop_
_entity.id
_entity.type
_entity.pdbx_description
1 polymer 'L-lysine 6-monooxygenase involved in desferrioxamine biosynthesis'
2 non-polymer 'FLAVIN-ADENINE DINUCLEOTIDE'
3 water water
#
_entity_poly.entity_id   1
_entity_poly.type   'polypeptide(L)'
_entity_poly.pdbx_seq_one_letter_code
;GAMANNTIYDFIGIGIGPFNLGLACLSEPVEGLNGVFLDQNPGFDWHTGMMLESAHLQTPFMADLVTLADPTSPYSLLNF
MKQKGKLYSFYIREDFFLMRKEYNQYCQWAAERLGNLRWNTRVEYVSYDDNLQCYRVRSTDTVSGKQQEWLAHRLVLGTG
PSAWSPACSQPYRERFVHSSEYLLNKEKLQKKRSITVLGSGQSAAEIYYDLLTDIDRFGYQLNWITRAPRFYPLEYTKLT
LEMTSPEWIDYFHSLPAAKRDELNASQKNLYKGINSSLINAIYDLLYVKQLDGKLDVNLFTHSELTDMRWLAEGEFELKL
HQQEQDRAYSRRTEGLVMATGYHYQPPAFVEGIQQRIQWDEKDRYDVQRNYSIDRHNQVFVQNAELHTHGFVTPDLGMAC
YRNSVLLREITGREVYPVERQIAFQTFPAQSEM
;
_entity_poly.pdbx_strand_id   A,B
#
# COMPACT_ATOMS: atom_id res chain seq x y z
N ASN A 6 30.44 -9.42 -15.28
CA ASN A 6 31.55 -9.43 -16.27
C ASN A 6 31.81 -8.02 -16.89
N THR A 7 30.97 -7.61 -17.85
CA THR A 7 31.28 -6.51 -18.78
C THR A 7 30.71 -5.18 -18.29
N ILE A 8 31.53 -4.14 -18.31
CA ILE A 8 31.16 -2.82 -17.82
C ILE A 8 30.42 -2.05 -18.92
N TYR A 9 29.30 -1.41 -18.55
CA TYR A 9 28.55 -0.53 -19.47
C TYR A 9 29.18 0.86 -19.58
N ASP A 10 29.02 1.50 -20.74
CA ASP A 10 29.56 2.86 -20.97
C ASP A 10 28.82 3.86 -20.11
N PHE A 11 27.49 3.67 -20.04
CA PHE A 11 26.66 4.32 -19.05
C PHE A 11 25.45 3.46 -18.70
N ILE A 12 24.92 3.68 -17.50
CA ILE A 12 23.62 3.14 -17.08
C ILE A 12 22.72 4.31 -16.76
N GLY A 13 21.52 4.33 -17.33
CA GLY A 13 20.50 5.30 -16.98
C GLY A 13 19.62 4.69 -15.90
N ILE A 14 19.43 5.40 -14.79
CA ILE A 14 18.57 4.93 -13.72
C ILE A 14 17.32 5.81 -13.67
N GLY A 15 16.18 5.20 -13.99
CA GLY A 15 14.93 5.94 -14.14
C GLY A 15 14.65 6.10 -15.61
N ILE A 16 13.42 5.79 -16.03
CA ILE A 16 13.00 5.97 -17.40
C ILE A 16 11.77 6.86 -17.42
N GLY A 17 12.02 8.14 -17.17
CA GLY A 17 11.06 9.20 -17.40
C GLY A 17 11.22 9.62 -18.83
N PRO A 18 10.51 10.67 -19.25
CA PRO A 18 10.59 11.09 -20.67
C PRO A 18 11.98 11.56 -21.06
N PHE A 19 12.72 12.11 -20.10
CA PHE A 19 14.10 12.51 -20.35
C PHE A 19 15.06 11.33 -20.64
N ASN A 20 15.16 10.34 -19.76
CA ASN A 20 15.98 9.14 -20.05
C ASN A 20 15.43 8.29 -21.17
N LEU A 21 14.12 8.29 -21.38
CA LEU A 21 13.55 7.61 -22.54
C LEU A 21 14.03 8.30 -23.82
N GLY A 22 14.16 9.62 -23.78
CA GLY A 22 14.75 10.37 -24.87
C GLY A 22 16.20 9.94 -25.10
N LEU A 23 17.01 10.02 -24.06
CA LEU A 23 18.41 9.56 -24.13
C LEU A 23 18.52 8.16 -24.74
N ALA A 24 17.58 7.29 -24.35
CA ALA A 24 17.56 5.92 -24.85
C ALA A 24 17.33 5.83 -26.35
N CYS A 25 16.37 6.58 -26.86
CA CYS A 25 16.13 6.61 -28.31
C CYS A 25 17.31 7.20 -29.07
N LEU A 26 17.93 8.22 -28.49
CA LEU A 26 19.06 8.85 -29.11
C LEU A 26 20.31 7.98 -29.04
N SER A 27 20.48 7.23 -27.95
CA SER A 27 21.69 6.38 -27.75
C SER A 27 21.64 5.04 -28.51
N GLU A 28 20.46 4.47 -28.73
CA GLU A 28 20.35 3.13 -29.37
C GLU A 28 21.17 2.96 -30.66
N PRO A 29 21.03 3.88 -31.65
CA PRO A 29 21.75 3.69 -32.92
C PRO A 29 23.22 4.14 -32.92
N VAL A 30 23.72 4.71 -31.82
CA VAL A 30 25.10 5.15 -31.76
C VAL A 30 26.07 3.95 -31.74
N GLU A 31 27.04 3.96 -32.67
CA GLU A 31 28.03 2.89 -32.81
C GLU A 31 28.98 2.91 -31.62
N GLY A 32 29.26 1.73 -31.06
CA GLY A 32 30.20 1.59 -29.95
C GLY A 32 29.78 2.28 -28.66
N LEU A 33 28.47 2.30 -28.42
CA LEU A 33 27.92 2.84 -27.19
C LEU A 33 27.04 1.74 -26.61
N ASN A 34 27.50 1.18 -25.49
CA ASN A 34 26.81 0.10 -24.81
C ASN A 34 26.23 0.73 -23.54
N GLY A 35 24.92 0.92 -23.57
CA GLY A 35 24.20 1.63 -22.53
C GLY A 35 22.93 0.88 -22.24
N VAL A 36 22.48 1.00 -21.00
CA VAL A 36 21.28 0.32 -20.57
C VAL A 36 20.54 1.20 -19.58
N PHE A 37 19.23 1.04 -19.53
CA PHE A 37 18.36 1.87 -18.71
C PHE A 37 17.52 1.00 -17.80
N LEU A 38 17.52 1.33 -16.51
CA LEU A 38 16.86 0.56 -15.46
C LEU A 38 15.71 1.37 -14.87
N ASP A 39 14.51 0.77 -14.79
CA ASP A 39 13.37 1.39 -14.11
C ASP A 39 12.60 0.33 -13.32
N GLN A 40 12.04 0.74 -12.18
CA GLN A 40 11.37 -0.21 -11.27
C GLN A 40 9.94 -0.60 -11.66
N ASN A 41 9.28 0.28 -12.43
CA ASN A 41 7.90 0.05 -12.85
C ASN A 41 7.91 -0.98 -13.98
N PRO A 42 6.73 -1.57 -14.29
CA PRO A 42 6.65 -2.57 -15.36
C PRO A 42 6.64 -2.01 -16.78
N GLY A 43 6.33 -0.73 -16.91
CA GLY A 43 6.41 -0.05 -18.20
C GLY A 43 6.38 1.45 -17.99
N PHE A 44 6.42 2.17 -19.08
CA PHE A 44 6.35 3.62 -19.04
C PHE A 44 4.92 4.03 -18.73
N ASP A 45 4.76 4.93 -17.77
CA ASP A 45 3.45 5.50 -17.47
C ASP A 45 3.67 6.83 -16.76
N TRP A 46 3.45 7.92 -17.50
CA TRP A 46 3.83 9.26 -17.07
C TRP A 46 2.67 10.07 -16.52
N HIS A 47 2.72 10.40 -15.24
CA HIS A 47 1.83 11.39 -14.59
C HIS A 47 0.36 11.26 -15.02
N THR A 48 -0.20 10.08 -14.72
CA THR A 48 -1.55 9.68 -15.13
C THR A 48 -2.69 10.24 -14.25
N GLY A 49 -2.34 10.75 -13.07
CA GLY A 49 -3.28 11.48 -12.22
C GLY A 49 -3.76 12.80 -12.79
N MET A 50 -2.95 13.44 -13.66
CA MET A 50 -3.35 14.70 -14.32
C MET A 50 -3.69 14.58 -15.78
N MET A 51 -3.98 13.35 -16.21
CA MET A 51 -4.47 13.10 -17.54
C MET A 51 -5.98 13.25 -17.58
N LEU A 52 -6.41 14.51 -17.57
CA LEU A 52 -7.76 14.87 -17.97
C LEU A 52 -7.87 14.81 -19.49
N GLU A 53 -9.05 14.42 -19.98
CA GLU A 53 -9.31 14.27 -21.43
C GLU A 53 -8.90 15.47 -22.27
N SER A 54 -9.16 16.66 -21.75
CA SER A 54 -8.92 17.88 -22.48
C SER A 54 -7.46 18.37 -22.41
N ALA A 55 -6.65 17.81 -21.52
CA ALA A 55 -5.30 18.31 -21.27
C ALA A 55 -4.30 18.08 -22.42
N HIS A 56 -3.62 19.15 -22.84
CA HIS A 56 -2.53 19.07 -23.82
C HIS A 56 -1.18 19.33 -23.16
N LEU A 57 -0.11 19.00 -23.88
CA LEU A 57 1.22 19.50 -23.54
C LEU A 57 1.31 20.99 -23.85
N GLN A 58 2.22 21.66 -23.18
CA GLN A 58 2.44 23.11 -23.36
C GLN A 58 3.57 23.39 -24.34
N THR A 59 3.81 22.42 -25.22
CA THR A 59 5.05 22.31 -25.95
C THR A 59 4.72 21.64 -27.30
N PRO A 60 5.19 22.22 -28.42
CA PRO A 60 4.84 21.65 -29.73
C PRO A 60 5.39 20.24 -29.93
N PHE A 61 4.80 19.48 -30.83
CA PHE A 61 5.16 18.07 -31.00
C PHE A 61 6.61 17.80 -31.41
N MET A 62 7.29 18.76 -32.04
CA MET A 62 8.72 18.64 -32.35
C MET A 62 9.57 18.45 -31.09
N ALA A 63 9.07 18.85 -29.93
CA ALA A 63 9.66 18.47 -28.65
C ALA A 63 9.11 17.13 -28.21
N ASP A 64 9.48 16.13 -28.98
CA ASP A 64 9.19 14.74 -28.70
C ASP A 64 10.51 14.15 -28.16
N LEU A 65 10.78 12.86 -28.36
CA LEU A 65 11.91 12.23 -27.71
C LEU A 65 13.25 12.52 -28.40
N VAL A 66 13.17 12.85 -29.70
CA VAL A 66 14.31 12.82 -30.62
C VAL A 66 14.41 13.95 -31.66
N THR A 67 13.28 14.45 -32.18
CA THR A 67 13.27 15.34 -33.37
C THR A 67 14.21 16.57 -33.28
N LEU A 68 14.39 17.19 -32.13
CA LEU A 68 15.26 18.39 -32.07
C LEU A 68 16.74 18.06 -32.11
N ALA A 69 17.07 16.79 -31.91
CA ALA A 69 18.42 16.29 -32.14
C ALA A 69 18.55 15.57 -33.48
N ASP A 70 17.49 14.87 -33.90
CA ASP A 70 17.53 14.02 -35.09
C ASP A 70 16.15 13.72 -35.62
N PRO A 71 15.65 14.56 -36.53
CA PRO A 71 14.33 14.33 -37.15
C PRO A 71 14.20 13.05 -37.95
N THR A 72 15.33 12.46 -38.37
CA THR A 72 15.29 11.17 -39.08
C THR A 72 15.10 9.94 -38.17
N SER A 73 15.18 10.12 -36.85
CA SER A 73 15.01 9.00 -35.92
C SER A 73 13.64 8.37 -36.08
N PRO A 74 13.60 7.03 -36.04
CA PRO A 74 12.31 6.33 -36.08
C PRO A 74 11.48 6.50 -34.80
N TYR A 75 12.08 7.01 -33.72
CA TYR A 75 11.31 7.29 -32.49
C TYR A 75 10.59 8.64 -32.49
N SER A 76 10.54 9.31 -33.63
CA SER A 76 9.84 10.58 -33.73
C SER A 76 8.34 10.40 -33.53
N LEU A 77 7.70 11.46 -33.06
CA LEU A 77 6.24 11.53 -32.94
C LEU A 77 5.56 11.37 -34.29
N LEU A 78 6.14 11.98 -35.33
CA LEU A 78 5.61 11.85 -36.69
C LEU A 78 5.68 10.42 -37.20
N ASN A 79 6.77 9.73 -36.89
CA ASN A 79 6.88 8.32 -37.31
C ASN A 79 5.91 7.44 -36.55
N PHE A 80 5.72 7.73 -35.27
CA PHE A 80 4.74 7.02 -34.44
C PHE A 80 3.36 7.12 -35.07
N MET A 81 3.02 8.34 -35.46
CA MET A 81 1.73 8.61 -36.02
C MET A 81 1.58 7.82 -37.32
N LYS A 82 2.67 7.69 -38.07
CA LYS A 82 2.66 6.96 -39.33
C LYS A 82 2.47 5.45 -39.15
N GLN A 83 3.18 4.87 -38.18
CA GLN A 83 3.08 3.44 -37.93
C GLN A 83 1.72 3.05 -37.39
N LYS A 84 1.18 3.85 -36.47
CA LYS A 84 -0.22 3.67 -36.04
C LYS A 84 -1.25 3.85 -37.17
N GLY A 85 -0.85 4.43 -38.29
CA GLY A 85 -1.71 4.52 -39.47
C GLY A 85 -2.69 5.66 -39.42
N LYS A 86 -2.34 6.71 -38.67
CA LYS A 86 -3.21 7.87 -38.43
C LYS A 86 -2.56 9.23 -38.76
N LEU A 87 -1.44 9.24 -39.46
CA LEU A 87 -0.71 10.49 -39.67
C LEU A 87 -1.56 11.47 -40.45
N TYR A 88 -2.41 10.99 -41.36
CA TYR A 88 -3.25 11.92 -42.12
C TYR A 88 -4.30 12.58 -41.23
N SER A 89 -4.77 11.87 -40.22
CA SER A 89 -5.69 12.44 -39.26
C SER A 89 -5.03 13.54 -38.45
N PHE A 90 -3.81 13.26 -38.00
CA PHE A 90 -3.00 14.24 -37.29
C PHE A 90 -2.70 15.50 -38.12
N TYR A 91 -2.56 15.29 -39.44
CA TYR A 91 -2.33 16.37 -40.41
C TYR A 91 -3.56 17.24 -40.53
N ILE A 92 -4.73 16.62 -40.65
CA ILE A 92 -6.01 17.34 -40.63
C ILE A 92 -6.26 18.05 -39.28
N ARG A 93 -5.93 17.42 -38.17
CA ARG A 93 -6.03 18.07 -36.87
C ARG A 93 -5.26 19.41 -36.86
N GLU A 94 -4.06 19.42 -37.41
CA GLU A 94 -3.25 20.64 -37.56
C GLU A 94 -3.11 21.36 -36.23
N ASP A 95 -2.63 20.63 -35.24
CA ASP A 95 -2.49 21.15 -33.90
C ASP A 95 -1.10 20.78 -33.42
N PHE A 96 -0.31 21.77 -33.06
CA PHE A 96 1.03 21.54 -32.58
C PHE A 96 1.11 20.76 -31.26
N PHE A 97 0.05 20.83 -30.46
CA PHE A 97 0.12 20.36 -29.06
C PHE A 97 -0.60 19.05 -28.89
N LEU A 98 0.17 18.03 -28.51
CA LEU A 98 -0.36 16.70 -28.32
C LEU A 98 -1.21 16.68 -27.06
N MET A 99 -2.26 15.86 -27.09
CA MET A 99 -2.99 15.51 -25.89
C MET A 99 -2.04 14.72 -24.97
N ARG A 100 -2.09 14.95 -23.65
CA ARG A 100 -1.27 14.16 -22.73
C ARG A 100 -1.47 12.67 -22.90
N LYS A 101 -2.71 12.27 -23.16
CA LYS A 101 -3.01 10.87 -23.36
C LYS A 101 -2.26 10.33 -24.57
N GLU A 102 -2.19 11.10 -25.65
CA GLU A 102 -1.50 10.65 -26.84
C GLU A 102 0.01 10.65 -26.63
N TYR A 103 0.55 11.63 -25.90
CA TYR A 103 1.99 11.67 -25.65
C TYR A 103 2.40 10.45 -24.87
N ASN A 104 1.54 10.09 -23.92
CA ASN A 104 1.78 8.93 -23.08
C ASN A 104 1.76 7.66 -23.92
N GLN A 105 0.76 7.53 -24.79
CA GLN A 105 0.68 6.42 -25.74
C GLN A 105 1.92 6.34 -26.64
N TYR A 106 2.36 7.49 -27.13
CA TYR A 106 3.57 7.60 -27.95
C TYR A 106 4.84 7.16 -27.19
N CYS A 107 5.02 7.66 -25.97
CA CYS A 107 6.17 7.25 -25.16
C CYS A 107 6.17 5.74 -24.89
N GLN A 108 4.99 5.16 -24.74
CA GLN A 108 4.83 3.73 -24.48
C GLN A 108 5.23 2.94 -25.71
N TRP A 109 4.75 3.36 -26.88
CA TRP A 109 5.17 2.79 -28.15
C TRP A 109 6.69 2.82 -28.33
N ALA A 110 7.32 3.93 -28.02
CA ALA A 110 8.77 4.05 -28.13
C ALA A 110 9.47 3.09 -27.17
N ALA A 111 9.03 3.09 -25.91
CA ALA A 111 9.62 2.23 -24.90
C ALA A 111 9.54 0.76 -25.28
N GLU A 112 8.42 0.36 -25.87
CA GLU A 112 8.23 -1.00 -26.34
C GLU A 112 9.22 -1.33 -27.49
N ARG A 113 9.36 -0.43 -28.46
CA ARG A 113 10.24 -0.63 -29.63
C ARG A 113 11.73 -0.76 -29.26
N LEU A 114 12.15 -0.08 -28.18
CA LEU A 114 13.55 -0.06 -27.79
C LEU A 114 14.02 -1.39 -27.21
N GLY A 115 15.32 -1.61 -27.36
CA GLY A 115 15.99 -2.75 -26.77
C GLY A 115 16.82 -2.44 -25.56
N ASN A 116 17.20 -1.17 -25.33
CA ASN A 116 18.11 -0.83 -24.23
C ASN A 116 17.44 -0.54 -22.89
N LEU A 117 16.15 -0.86 -22.76
CA LEU A 117 15.42 -0.64 -21.52
C LEU A 117 15.27 -1.95 -20.75
N ARG A 118 15.44 -1.88 -19.43
CA ARG A 118 15.19 -3.00 -18.52
C ARG A 118 14.15 -2.57 -17.49
N TRP A 119 12.89 -2.97 -17.72
CA TRP A 119 11.82 -2.69 -16.77
C TRP A 119 11.85 -3.65 -15.57
N ASN A 120 11.02 -3.39 -14.58
CA ASN A 120 10.91 -4.24 -13.38
C ASN A 120 12.27 -4.47 -12.69
N THR A 121 13.02 -3.37 -12.56
CA THR A 121 14.39 -3.41 -12.04
C THR A 121 14.59 -2.24 -11.07
N ARG A 122 14.38 -2.52 -9.78
CA ARG A 122 14.47 -1.50 -8.75
C ARG A 122 15.91 -1.43 -8.29
N VAL A 123 16.55 -0.29 -8.52
CA VAL A 123 17.89 -0.04 -8.05
C VAL A 123 17.79 0.25 -6.55
N GLU A 124 18.62 -0.45 -5.78
CA GLU A 124 18.59 -0.42 -4.31
C GLU A 124 19.79 0.32 -3.71
N TYR A 125 20.95 0.15 -4.32
CA TYR A 125 22.18 0.74 -3.81
C TYR A 125 23.16 0.95 -4.97
N VAL A 126 23.93 2.04 -4.88
CA VAL A 126 24.98 2.33 -5.84
C VAL A 126 26.22 2.66 -5.04
N SER A 127 27.37 2.20 -5.54
CA SER A 127 28.64 2.43 -4.87
C SER A 127 29.75 2.50 -5.91
N TYR A 128 30.87 3.12 -5.51
CA TYR A 128 32.04 3.21 -6.37
C TYR A 128 33.05 2.16 -5.96
N ASP A 129 33.37 1.28 -6.91
CA ASP A 129 34.32 0.21 -6.69
C ASP A 129 35.74 0.74 -6.93
N ASP A 130 36.52 0.90 -5.86
CA ASP A 130 37.88 1.46 -5.99
C ASP A 130 38.79 0.55 -6.81
N ASN A 131 38.60 -0.76 -6.66
CA ASN A 131 39.43 -1.77 -7.33
C ASN A 131 39.13 -1.89 -8.84
N LEU A 132 37.86 -1.94 -9.21
CA LEU A 132 37.45 -1.94 -10.63
C LEU A 132 37.44 -0.54 -11.26
N GLN A 133 37.50 0.51 -10.44
CA GLN A 133 37.47 1.92 -10.91
C GLN A 133 36.20 2.32 -11.68
N CYS A 134 35.06 1.79 -11.25
CA CYS A 134 33.76 2.07 -11.89
C CYS A 134 32.60 2.02 -10.86
N TYR A 135 31.38 2.29 -11.32
CA TYR A 135 30.20 2.28 -10.45
C TYR A 135 29.50 0.91 -10.46
N ARG A 136 29.05 0.49 -9.28
CA ARG A 136 28.41 -0.79 -9.07
C ARG A 136 26.98 -0.50 -8.64
N VAL A 137 26.02 -0.94 -9.46
CA VAL A 137 24.59 -0.65 -9.24
C VAL A 137 23.88 -1.93 -8.85
N ARG A 138 23.39 -2.01 -7.61
CA ARG A 138 22.69 -3.20 -7.12
C ARG A 138 21.18 -3.07 -7.33
N SER A 139 20.62 -3.93 -8.18
CA SER A 139 19.19 -3.96 -8.49
C SER A 139 18.46 -5.12 -7.84
N THR A 140 17.14 -5.07 -7.91
CA THR A 140 16.26 -6.14 -7.47
C THR A 140 15.19 -6.29 -8.53
N ASP A 141 15.07 -7.49 -9.11
CA ASP A 141 14.00 -7.73 -10.09
C ASP A 141 12.64 -7.82 -9.36
N THR A 142 11.70 -6.97 -9.73
CA THR A 142 10.45 -6.88 -8.99
C THR A 142 9.56 -8.11 -9.17
N VAL A 143 9.62 -8.75 -10.35
CA VAL A 143 8.77 -9.92 -10.62
C VAL A 143 9.31 -11.19 -9.97
N SER A 144 10.62 -11.39 -10.00
CA SER A 144 11.27 -12.60 -9.46
C SER A 144 11.99 -12.44 -8.11
N GLY A 145 12.23 -11.21 -7.66
CA GLY A 145 12.97 -10.99 -6.40
C GLY A 145 14.50 -11.03 -6.50
N LYS A 146 15.00 -11.49 -7.65
CA LYS A 146 16.41 -11.75 -7.87
C LYS A 146 17.28 -10.51 -7.72
N GLN A 147 18.39 -10.63 -7.00
CA GLN A 147 19.39 -9.56 -6.90
C GLN A 147 20.34 -9.67 -8.10
N GLN A 148 20.72 -8.52 -8.67
CA GLN A 148 21.71 -8.48 -9.75
C GLN A 148 22.56 -7.22 -9.56
N GLU A 149 23.81 -7.28 -10.02
CA GLU A 149 24.71 -6.13 -10.00
C GLU A 149 25.11 -5.76 -11.41
N TRP A 150 25.09 -4.46 -11.69
CA TRP A 150 25.44 -3.92 -12.98
C TRP A 150 26.67 -3.07 -12.78
N LEU A 151 27.63 -3.18 -13.69
CA LEU A 151 28.82 -2.35 -13.66
C LEU A 151 28.72 -1.27 -14.72
N ALA A 152 29.25 -0.09 -14.43
CA ALA A 152 29.22 1.03 -15.37
C ALA A 152 30.22 2.14 -15.04
N HIS A 153 30.76 2.74 -16.11
CA HIS A 153 31.71 3.85 -15.96
C HIS A 153 30.96 5.14 -15.60
N ARG A 154 29.76 5.28 -16.15
CA ARG A 154 28.97 6.48 -15.99
C ARG A 154 27.51 6.17 -15.65
N LEU A 155 26.93 7.01 -14.80
CA LEU A 155 25.51 6.94 -14.47
C LEU A 155 24.80 8.21 -14.94
N VAL A 156 23.55 8.07 -15.37
CA VAL A 156 22.74 9.24 -15.68
C VAL A 156 21.39 9.05 -14.97
N LEU A 157 21.17 9.91 -13.96
CA LEU A 157 20.05 9.81 -13.04
C LEU A 157 18.84 10.60 -13.55
N GLY A 158 17.89 9.86 -14.11
CA GLY A 158 16.65 10.45 -14.61
C GLY A 158 15.48 10.01 -13.79
N THR A 159 15.65 10.01 -12.47
CA THR A 159 14.55 9.68 -11.53
C THR A 159 13.53 10.83 -11.54
N GLY A 160 12.26 10.50 -11.29
CA GLY A 160 11.22 11.52 -11.21
C GLY A 160 11.25 12.29 -9.90
N PRO A 161 10.46 13.39 -9.83
CA PRO A 161 10.30 14.10 -8.58
C PRO A 161 9.07 13.54 -7.87
N SER A 162 8.92 13.86 -6.59
CA SER A 162 7.80 13.36 -5.80
C SER A 162 6.83 14.49 -5.43
N ALA A 163 5.57 14.11 -5.20
CA ALA A 163 4.52 15.05 -4.81
C ALA A 163 4.93 15.83 -3.58
N TRP A 164 4.58 17.12 -3.56
CA TRP A 164 4.93 18.01 -2.47
C TRP A 164 3.73 18.80 -2.02
N SER A 165 3.55 18.88 -0.70
CA SER A 165 2.55 19.72 -0.05
C SER A 165 3.24 20.57 1.02
N PRO A 166 2.68 21.75 1.36
CA PRO A 166 3.31 22.61 2.38
C PRO A 166 3.54 21.90 3.70
N ALA A 167 4.58 22.31 4.43
CA ALA A 167 4.99 21.63 5.67
C ALA A 167 3.85 21.52 6.70
N CYS A 168 3.03 22.58 6.80
CA CYS A 168 1.92 22.62 7.75
C CYS A 168 0.74 21.67 7.42
N SER A 169 0.68 21.15 6.20
CA SER A 169 -0.37 20.21 5.78
C SER A 169 -0.11 18.72 6.16
N GLN A 170 1.10 18.37 6.57
CA GLN A 170 1.47 16.95 6.78
C GLN A 170 0.54 16.17 7.73
N PRO A 171 0.02 16.83 8.78
CA PRO A 171 -0.93 16.11 9.64
C PRO A 171 -2.31 15.80 9.02
N TYR A 172 -2.61 16.29 7.82
CA TYR A 172 -3.93 16.09 7.22
C TYR A 172 -3.85 15.42 5.85
N ARG A 173 -2.70 14.79 5.56
CA ARG A 173 -2.53 13.99 4.34
C ARG A 173 -3.72 13.08 4.06
N GLU A 174 -4.31 12.53 5.12
CA GLU A 174 -5.47 11.65 5.03
C GLU A 174 -6.73 12.33 4.45
N ARG A 175 -6.93 13.63 4.69
CA ARG A 175 -8.15 14.33 4.26
C ARG A 175 -8.07 15.02 2.91
N PHE A 176 -7.02 15.83 2.70
CA PHE A 176 -6.87 16.55 1.45
C PHE A 176 -6.35 15.63 0.36
N VAL A 177 -6.47 16.08 -0.89
CA VAL A 177 -6.03 15.32 -2.04
C VAL A 177 -5.02 16.16 -2.81
N HIS A 178 -3.85 15.59 -3.08
CA HIS A 178 -2.86 16.23 -3.93
C HIS A 178 -3.32 16.13 -5.38
N SER A 179 -2.86 17.00 -6.26
CA SER A 179 -3.28 16.96 -7.67
C SER A 179 -3.13 15.55 -8.26
N SER A 180 -2.01 14.89 -7.94
CA SER A 180 -1.73 13.50 -8.35
C SER A 180 -2.78 12.45 -7.95
N GLU A 181 -3.56 12.74 -6.91
CA GLU A 181 -4.63 11.86 -6.46
C GLU A 181 -6.02 12.41 -6.86
N TYR A 182 -6.08 13.38 -7.76
CA TYR A 182 -7.33 14.13 -8.01
C TYR A 182 -8.36 13.26 -8.70
N LEU A 183 -7.97 12.68 -9.84
CA LEU A 183 -8.90 11.89 -10.64
C LEU A 183 -9.58 10.79 -9.82
N LEU A 184 -8.82 10.15 -8.93
CA LEU A 184 -9.34 9.07 -8.09
C LEU A 184 -10.36 9.57 -7.06
N ASN A 185 -10.16 10.77 -6.54
CA ASN A 185 -11.02 11.34 -5.49
C ASN A 185 -12.04 12.37 -5.99
N LYS A 186 -12.16 12.54 -7.31
CA LYS A 186 -13.03 13.57 -7.87
C LYS A 186 -14.48 13.37 -7.47
N GLU A 187 -14.97 12.15 -7.66
CA GLU A 187 -16.34 11.82 -7.34
C GLU A 187 -16.64 12.12 -5.84
N LYS A 188 -15.68 11.86 -4.97
CA LYS A 188 -15.82 12.12 -3.53
C LYS A 188 -15.75 13.61 -3.20
N LEU A 189 -14.93 14.35 -3.95
CA LEU A 189 -14.85 15.80 -3.79
C LEU A 189 -16.15 16.48 -4.21
N GLN A 190 -16.71 16.07 -5.34
CA GLN A 190 -17.92 16.71 -5.89
C GLN A 190 -19.19 16.51 -5.04
N LYS A 191 -19.19 15.51 -4.15
CA LYS A 191 -20.25 15.36 -3.15
C LYS A 191 -20.20 16.37 -2.01
N LYS A 192 -19.06 17.05 -1.83
CA LYS A 192 -18.90 18.00 -0.73
C LYS A 192 -19.58 19.34 -1.03
N ARG A 193 -19.79 20.11 0.01
CA ARG A 193 -20.44 21.43 -0.09
C ARG A 193 -19.50 22.49 -0.64
N SER A 194 -18.20 22.36 -0.35
CA SER A 194 -17.19 23.31 -0.81
C SER A 194 -15.88 22.61 -1.15
N ILE A 195 -15.23 23.08 -2.22
CA ILE A 195 -13.92 22.57 -2.65
C ILE A 195 -13.00 23.77 -2.81
N THR A 196 -11.74 23.62 -2.45
CA THR A 196 -10.75 24.68 -2.61
C THR A 196 -9.49 24.15 -3.28
N VAL A 197 -9.19 24.65 -4.46
CA VAL A 197 -7.92 24.37 -5.11
C VAL A 197 -6.86 25.35 -4.60
N LEU A 198 -5.79 24.80 -4.05
CA LEU A 198 -4.72 25.58 -3.49
C LEU A 198 -3.47 25.38 -4.37
N GLY A 199 -2.93 26.45 -4.93
CA GLY A 199 -1.77 26.40 -5.84
C GLY A 199 -1.96 27.21 -7.12
N SER A 200 -0.84 27.56 -7.77
CA SER A 200 -0.82 28.54 -8.87
C SER A 200 -0.69 28.02 -10.30
N GLY A 201 -0.25 26.79 -10.47
CA GLY A 201 0.24 26.36 -11.79
C GLY A 201 -0.82 25.82 -12.72
N GLN A 202 -0.32 25.19 -13.79
CA GLN A 202 -1.15 24.58 -14.82
C GLN A 202 -2.06 23.51 -14.24
N SER A 203 -1.56 22.73 -13.27
CA SER A 203 -2.35 21.64 -12.67
C SER A 203 -3.56 22.19 -11.93
N ALA A 204 -3.30 23.17 -11.07
CA ALA A 204 -4.35 23.87 -10.34
C ALA A 204 -5.43 24.39 -11.28
N ALA A 205 -5.00 25.06 -12.34
CA ALA A 205 -5.93 25.64 -13.29
C ALA A 205 -6.77 24.57 -14.00
N GLU A 206 -6.12 23.50 -14.44
CA GLU A 206 -6.84 22.40 -15.12
C GLU A 206 -7.89 21.77 -14.23
N ILE A 207 -7.53 21.58 -12.96
CA ILE A 207 -8.45 21.08 -11.96
C ILE A 207 -9.57 22.06 -11.72
N TYR A 208 -9.22 23.33 -11.49
CA TYR A 208 -10.25 24.37 -11.28
C TYR A 208 -11.27 24.41 -12.42
N TYR A 209 -10.78 24.37 -13.65
CA TYR A 209 -11.64 24.31 -14.82
C TYR A 209 -12.52 23.05 -14.82
N ASP A 210 -11.93 21.91 -14.45
CA ASP A 210 -12.64 20.63 -14.45
C ASP A 210 -13.82 20.68 -13.49
N LEU A 211 -13.57 21.18 -12.28
CA LEU A 211 -14.61 21.29 -11.25
C LEU A 211 -15.65 22.37 -11.59
N LEU A 212 -15.18 23.50 -12.14
CA LEU A 212 -16.07 24.60 -12.55
C LEU A 212 -17.10 24.15 -13.57
N THR A 213 -16.71 23.24 -14.45
CA THR A 213 -17.60 22.63 -15.43
C THR A 213 -18.87 22.07 -14.79
N ASP A 214 -18.74 21.43 -13.64
CA ASP A 214 -19.89 20.81 -12.96
C ASP A 214 -20.41 21.58 -11.73
N ILE A 215 -20.10 22.88 -11.63
CA ILE A 215 -20.49 23.64 -10.44
C ILE A 215 -22.01 23.75 -10.36
N ASP A 216 -22.67 23.94 -11.49
CA ASP A 216 -24.15 23.98 -11.52
C ASP A 216 -24.79 22.60 -11.29
N ARG A 217 -24.08 21.52 -11.60
CA ARG A 217 -24.62 20.17 -11.51
C ARG A 217 -24.60 19.63 -10.07
N PHE A 218 -23.53 19.90 -9.33
CA PHE A 218 -23.44 19.55 -7.90
C PHE A 218 -23.58 20.81 -7.07
N GLY A 219 -23.58 20.67 -5.75
CA GLY A 219 -23.79 21.83 -4.90
C GLY A 219 -22.70 22.92 -4.93
N TYR A 220 -21.47 22.52 -5.19
CA TYR A 220 -20.34 23.04 -4.44
C TYR A 220 -19.97 24.50 -4.63
N GLN A 221 -19.41 25.07 -3.57
CA GLN A 221 -18.61 26.27 -3.64
C GLN A 221 -17.26 25.83 -4.20
N LEU A 222 -16.70 26.64 -5.10
CA LEU A 222 -15.44 26.31 -5.74
C LEU A 222 -14.46 27.47 -5.60
N ASN A 223 -13.48 27.27 -4.74
CA ASN A 223 -12.50 28.30 -4.42
C ASN A 223 -11.15 27.99 -5.05
N TRP A 224 -10.34 29.04 -5.21
CA TRP A 224 -8.98 28.93 -5.70
C TRP A 224 -8.13 29.95 -4.96
N ILE A 225 -7.15 29.47 -4.21
CA ILE A 225 -6.25 30.35 -3.47
C ILE A 225 -4.85 30.07 -3.97
N THR A 226 -4.07 31.12 -4.21
CA THR A 226 -2.68 30.97 -4.68
C THR A 226 -1.74 31.94 -3.99
N ARG A 227 -0.49 31.53 -3.80
CA ARG A 227 0.57 32.42 -3.30
C ARG A 227 1.03 33.39 -4.40
N ALA A 228 0.89 32.98 -5.66
CA ALA A 228 1.29 33.79 -6.80
C ALA A 228 0.61 35.15 -6.78
N PRO A 229 1.32 36.19 -7.26
CA PRO A 229 0.75 37.54 -7.30
C PRO A 229 -0.46 37.70 -8.25
N ARG A 230 -0.45 36.94 -9.33
CA ARG A 230 -1.58 36.90 -10.25
C ARG A 230 -1.77 35.46 -10.67
N PHE A 231 -2.81 35.21 -11.46
CA PHE A 231 -2.91 33.93 -12.22
C PHE A 231 -2.16 34.17 -13.52
N TYR A 232 -0.84 34.23 -13.42
CA TYR A 232 -0.01 34.68 -14.55
C TYR A 232 0.01 33.58 -15.60
N PRO A 233 -0.05 33.98 -16.89
CA PRO A 233 0.12 33.00 -17.94
C PRO A 233 1.58 32.62 -18.14
N LEU A 234 1.78 31.46 -18.73
CA LEU A 234 3.08 31.01 -19.17
C LEU A 234 3.46 31.89 -20.34
N GLU A 235 4.64 32.52 -20.29
CA GLU A 235 5.08 33.49 -21.31
C GLU A 235 5.52 32.73 -22.58
N TYR A 236 4.79 32.94 -23.67
N TYR A 236 4.78 32.97 -23.66
CA TYR A 236 4.99 32.21 -24.91
CA TYR A 236 4.88 32.24 -24.92
C TYR A 236 5.33 33.11 -26.12
C TYR A 236 5.34 33.11 -26.11
N THR A 237 5.63 34.38 -25.87
CA THR A 237 5.97 35.31 -26.93
C THR A 237 7.37 34.97 -27.43
N LYS A 238 7.55 35.03 -28.75
CA LYS A 238 8.66 34.31 -29.40
C LYS A 238 10.03 34.88 -29.10
N LEU A 239 10.13 36.19 -28.85
CA LEU A 239 11.39 36.76 -28.43
C LEU A 239 11.84 36.25 -27.06
N THR A 240 10.90 36.00 -26.14
CA THR A 240 11.23 35.38 -24.85
C THR A 240 11.55 33.88 -24.99
N LEU A 241 10.88 33.17 -25.90
CA LEU A 241 11.21 31.75 -26.15
C LEU A 241 12.68 31.55 -26.60
N GLU A 242 13.30 32.55 -27.22
CA GLU A 242 14.74 32.52 -27.53
C GLU A 242 15.63 32.39 -26.30
N MET A 243 15.11 32.66 -25.11
CA MET A 243 15.88 32.42 -23.91
C MET A 243 15.98 30.94 -23.56
N THR A 244 15.10 30.10 -24.12
CA THR A 244 15.22 28.64 -23.95
C THR A 244 16.10 28.15 -25.10
N SER A 245 17.38 28.43 -25.00
CA SER A 245 18.29 28.20 -26.10
C SER A 245 19.70 27.95 -25.59
N PRO A 246 20.49 27.19 -26.35
CA PRO A 246 21.89 27.02 -26.02
C PRO A 246 22.61 28.32 -25.73
N GLU A 247 22.35 29.35 -26.51
CA GLU A 247 23.02 30.65 -26.39
C GLU A 247 22.76 31.29 -25.04
N TRP A 248 21.50 31.24 -24.62
CA TRP A 248 21.13 31.76 -23.31
C TRP A 248 21.74 30.93 -22.17
N ILE A 249 21.79 29.62 -22.34
CA ILE A 249 22.32 28.74 -21.28
C ILE A 249 23.80 29.01 -21.09
N ASP A 250 24.54 29.19 -22.17
CA ASP A 250 25.96 29.60 -22.10
C ASP A 250 26.08 30.91 -21.33
N TYR A 251 25.21 31.86 -21.65
CA TYR A 251 25.18 33.16 -20.97
C TYR A 251 24.93 32.96 -19.47
N PHE A 252 23.90 32.17 -19.16
CA PHE A 252 23.39 31.99 -17.81
C PHE A 252 24.43 31.44 -16.86
N HIS A 253 25.42 30.76 -17.45
CA HIS A 253 26.62 30.38 -16.77
C HIS A 253 27.54 31.59 -16.73
N SER A 254 27.05 32.61 -16.04
CA SER A 254 27.84 33.71 -15.51
C SER A 254 28.72 33.15 -14.42
N LEU A 255 28.17 32.18 -13.70
CA LEU A 255 28.83 31.50 -12.58
C LEU A 255 28.54 32.13 -11.22
N PRO A 256 27.67 33.22 -11.23
CA PRO A 256 27.34 33.70 -9.88
C PRO A 256 26.08 33.00 -9.43
N ALA A 257 26.21 32.14 -8.43
CA ALA A 257 25.12 31.28 -8.01
C ALA A 257 23.92 32.03 -7.47
N ALA A 258 24.17 33.07 -6.68
CA ALA A 258 23.08 33.80 -6.06
C ALA A 258 22.20 34.40 -7.13
N LYS A 259 22.83 34.93 -8.18
CA LYS A 259 22.07 35.58 -9.21
C LYS A 259 21.15 34.53 -9.79
N ARG A 260 21.70 33.34 -9.94
CA ARG A 260 20.96 32.26 -10.53
C ARG A 260 19.76 31.96 -9.66
N ASP A 261 19.96 31.96 -8.34
CA ASP A 261 18.88 31.61 -7.41
C ASP A 261 17.84 32.73 -7.32
N GLU A 262 18.31 33.99 -7.31
CA GLU A 262 17.40 35.13 -7.36
C GLU A 262 16.65 35.24 -8.70
N LEU A 263 17.30 34.86 -9.81
CA LEU A 263 16.63 34.78 -11.12
C LEU A 263 15.51 33.74 -11.15
N ASN A 264 15.73 32.59 -10.51
CA ASN A 264 14.74 31.51 -10.57
C ASN A 264 13.43 31.81 -9.81
N ALA A 265 13.51 32.61 -8.74
CA ALA A 265 12.29 33.30 -8.25
C ALA A 265 12.24 34.56 -9.12
N SER A 266 11.07 34.89 -9.65
CA SER A 266 10.89 36.02 -10.59
C SER A 266 11.06 35.69 -12.08
N GLN A 267 11.47 34.47 -12.43
CA GLN A 267 11.31 33.95 -13.80
C GLN A 267 10.19 32.89 -13.87
N LYS A 268 9.21 32.98 -12.97
CA LYS A 268 8.18 31.96 -12.86
C LYS A 268 7.14 32.01 -14.00
N ASN A 269 6.95 33.18 -14.62
CA ASN A 269 6.21 33.31 -15.92
C ASN A 269 6.73 32.37 -17.01
N LEU A 270 8.04 32.11 -17.01
CA LEU A 270 8.70 31.36 -18.08
C LEU A 270 8.56 29.83 -17.96
N TYR A 271 8.27 29.32 -16.76
CA TYR A 271 8.08 27.86 -16.56
C TYR A 271 6.90 27.41 -15.66
N LYS A 272 6.55 28.20 -14.64
CA LYS A 272 5.47 27.83 -13.68
C LYS A 272 4.09 28.48 -14.00
N GLY A 273 3.89 28.97 -15.23
CA GLY A 273 2.64 29.62 -15.59
C GLY A 273 1.52 28.71 -16.05
N ILE A 274 0.34 29.30 -16.18
CA ILE A 274 -0.83 28.63 -16.75
C ILE A 274 -0.92 28.95 -18.25
N ASN A 275 -1.38 27.99 -19.04
CA ASN A 275 -1.54 28.21 -20.48
C ASN A 275 -2.61 29.31 -20.66
N SER A 276 -2.26 30.33 -21.43
CA SER A 276 -3.11 31.51 -21.65
C SER A 276 -4.54 31.19 -22.06
N SER A 277 -4.68 30.23 -22.97
CA SER A 277 -6.00 29.76 -23.41
C SER A 277 -6.86 29.30 -22.26
N LEU A 278 -6.24 28.63 -21.29
CA LEU A 278 -6.96 28.07 -20.16
C LEU A 278 -7.39 29.16 -19.21
N ILE A 279 -6.52 30.09 -18.87
CA ILE A 279 -6.94 31.24 -18.05
C ILE A 279 -8.18 31.89 -18.68
N ASN A 280 -8.10 32.20 -19.96
CA ASN A 280 -9.23 32.79 -20.66
C ASN A 280 -10.45 31.88 -20.73
N ALA A 281 -10.24 30.58 -20.85
CA ALA A 281 -11.37 29.63 -20.82
C ALA A 281 -12.07 29.60 -19.47
N ILE A 282 -11.29 29.77 -18.40
CA ILE A 282 -11.81 29.86 -17.04
C ILE A 282 -12.63 31.14 -16.88
N TYR A 283 -12.13 32.28 -17.34
CA TYR A 283 -12.91 33.52 -17.28
C TYR A 283 -14.21 33.37 -18.06
N ASP A 284 -14.10 32.85 -19.29
CA ASP A 284 -15.27 32.67 -20.14
C ASP A 284 -16.29 31.70 -19.53
N LEU A 285 -15.82 30.69 -18.79
CA LEU A 285 -16.73 29.74 -18.15
C LEU A 285 -17.39 30.32 -16.91
N LEU A 286 -16.64 31.07 -16.09
CA LEU A 286 -17.25 31.86 -15.00
C LEU A 286 -18.34 32.79 -15.55
N TYR A 287 -18.02 33.52 -16.62
CA TYR A 287 -19.00 34.34 -17.30
C TYR A 287 -20.26 33.53 -17.66
N VAL A 288 -20.12 32.42 -18.37
CA VAL A 288 -21.28 31.62 -18.82
C VAL A 288 -22.10 31.03 -17.66
N LYS A 289 -21.42 30.52 -16.65
CA LYS A 289 -22.10 29.97 -15.49
C LYS A 289 -22.86 31.06 -14.76
N GLN A 290 -22.27 32.24 -14.65
CA GLN A 290 -22.87 33.36 -13.92
C GLN A 290 -24.21 33.82 -14.54
N LEU A 291 -24.49 33.47 -15.78
CA LEU A 291 -25.77 33.79 -16.39
C LEU A 291 -27.00 33.19 -15.70
N ASP A 292 -26.84 32.11 -14.93
CA ASP A 292 -27.98 31.49 -14.21
C ASP A 292 -28.18 31.98 -12.78
N GLY A 293 -27.26 32.79 -12.28
CA GLY A 293 -27.29 33.26 -10.89
C GLY A 293 -25.91 33.67 -10.47
N LYS A 294 -25.79 34.37 -9.34
CA LYS A 294 -24.48 34.67 -8.77
C LYS A 294 -23.81 33.32 -8.42
N LEU A 295 -22.59 33.13 -8.92
CA LEU A 295 -21.80 31.94 -8.68
C LEU A 295 -21.20 31.98 -7.31
N ASP A 296 -21.10 30.81 -6.70
CA ASP A 296 -20.47 30.69 -5.39
C ASP A 296 -19.01 30.28 -5.61
N VAL A 297 -18.19 31.28 -5.92
CA VAL A 297 -16.74 31.10 -6.12
C VAL A 297 -15.94 32.19 -5.44
N ASN A 298 -14.73 31.87 -5.05
CA ASN A 298 -13.79 32.83 -4.49
C ASN A 298 -12.42 32.52 -5.08
N LEU A 299 -11.68 33.57 -5.38
CA LEU A 299 -10.37 33.45 -5.98
C LEU A 299 -9.48 34.47 -5.28
N PHE A 300 -8.49 33.99 -4.53
CA PHE A 300 -7.52 34.86 -3.87
C PHE A 300 -6.11 34.72 -4.45
N THR A 301 -5.32 35.77 -4.33
CA THR A 301 -3.94 35.80 -4.82
C THR A 301 -3.05 36.32 -3.71
N HIS A 302 -1.74 36.35 -3.95
CA HIS A 302 -0.75 36.79 -2.96
C HIS A 302 -0.80 36.06 -1.60
N SER A 303 -1.48 34.91 -1.54
CA SER A 303 -1.86 34.32 -0.27
C SER A 303 -1.05 33.07 0.09
N GLU A 304 -0.18 33.22 1.10
CA GLU A 304 0.59 32.11 1.65
C GLU A 304 -0.25 31.38 2.68
N LEU A 305 -0.24 30.06 2.63
CA LEU A 305 -0.83 29.21 3.68
C LEU A 305 0.11 29.14 4.90
N THR A 306 -0.25 29.80 5.99
CA THR A 306 0.57 29.81 7.21
C THR A 306 0.29 28.62 8.12
N ASP A 307 -0.99 28.27 8.28
CA ASP A 307 -1.38 27.11 9.08
C ASP A 307 -2.72 26.56 8.59
N MET A 308 -3.02 25.32 8.96
CA MET A 308 -4.33 24.73 8.71
C MET A 308 -4.73 23.81 9.84
N ARG A 309 -6.01 23.46 9.85
CA ARG A 309 -6.60 22.76 10.99
C ARG A 309 -7.94 22.18 10.53
N TRP A 310 -8.28 21.00 11.05
CA TRP A 310 -9.55 20.36 10.76
C TRP A 310 -10.45 20.50 11.99
N LEU A 311 -11.65 21.01 11.77
CA LEU A 311 -12.57 21.33 12.85
C LEU A 311 -13.58 20.20 13.04
N ALA A 312 -14.08 20.05 14.28
CA ALA A 312 -15.14 19.10 14.60
C ALA A 312 -16.38 19.26 13.71
N GLU A 313 -16.74 20.52 13.43
CA GLU A 313 -17.78 20.88 12.44
C GLU A 313 -17.80 20.02 11.16
N GLY A 314 -16.61 19.66 10.65
CA GLY A 314 -16.45 18.90 9.40
C GLY A 314 -15.91 19.73 8.25
N GLU A 315 -14.94 20.60 8.56
CA GLU A 315 -14.39 21.61 7.63
C GLU A 315 -12.93 21.87 7.96
N PHE A 316 -12.13 22.20 6.94
CA PHE A 316 -10.81 22.80 7.17
C PHE A 316 -10.96 24.29 7.50
N GLU A 317 -10.01 24.81 8.28
CA GLU A 317 -9.84 26.24 8.44
C GLU A 317 -8.42 26.58 7.98
N LEU A 318 -8.32 27.15 6.80
CA LEU A 318 -7.06 27.59 6.23
C LEU A 318 -6.74 28.97 6.78
N LYS A 319 -5.64 29.11 7.49
CA LYS A 319 -5.09 30.42 7.83
C LYS A 319 -4.15 30.85 6.71
N LEU A 320 -4.39 32.04 6.18
CA LEU A 320 -3.65 32.57 5.03
C LEU A 320 -3.05 33.93 5.36
N HIS A 321 -1.95 34.25 4.71
CA HIS A 321 -1.33 35.56 4.85
C HIS A 321 -1.19 36.18 3.47
N GLN A 322 -1.84 37.33 3.28
CA GLN A 322 -1.84 38.07 2.01
C GLN A 322 -0.58 38.96 2.03
N GLN A 323 0.47 38.52 1.31
CA GLN A 323 1.84 39.05 1.47
C GLN A 323 2.01 40.48 1.00
N GLU A 324 1.25 40.86 -0.02
CA GLU A 324 1.32 42.20 -0.59
C GLU A 324 0.72 43.20 0.37
N GLN A 325 -0.52 42.94 0.78
CA GLN A 325 -1.20 43.77 1.76
C GLN A 325 -0.58 43.67 3.15
N ASP A 326 0.07 42.53 3.44
CA ASP A 326 0.66 42.23 4.74
C ASP A 326 -0.44 42.11 5.81
N ARG A 327 -1.43 41.26 5.53
CA ARG A 327 -2.58 41.04 6.41
C ARG A 327 -3.04 39.58 6.39
N ALA A 328 -3.28 39.03 7.59
CA ALA A 328 -3.70 37.63 7.74
C ALA A 328 -5.21 37.51 7.61
N TYR A 329 -5.67 36.33 7.18
CA TYR A 329 -7.10 36.03 7.09
C TYR A 329 -7.34 34.52 7.01
N SER A 330 -8.55 34.10 7.38
CA SER A 330 -8.93 32.68 7.39
C SER A 330 -10.01 32.40 6.34
N ARG A 331 -10.06 31.16 5.90
CA ARG A 331 -11.02 30.68 4.92
C ARG A 331 -11.40 29.27 5.29
N ARG A 332 -12.60 28.83 4.88
CA ARG A 332 -13.08 27.49 5.22
C ARG A 332 -13.38 26.68 3.99
N THR A 333 -13.22 25.37 4.10
CA THR A 333 -13.54 24.46 3.00
C THR A 333 -13.64 23.01 3.49
N GLU A 334 -14.51 22.22 2.86
CA GLU A 334 -14.65 20.81 3.19
C GLU A 334 -13.60 20.04 2.41
N GLY A 335 -13.69 20.14 1.09
CA GLY A 335 -12.73 19.53 0.18
C GLY A 335 -11.55 20.45 -0.05
N LEU A 336 -10.37 19.86 -0.19
CA LEU A 336 -9.14 20.61 -0.38
C LEU A 336 -8.27 19.88 -1.38
N VAL A 337 -8.05 20.48 -2.56
CA VAL A 337 -7.15 19.92 -3.54
C VAL A 337 -5.85 20.71 -3.45
N MET A 338 -4.79 20.02 -3.05
CA MET A 338 -3.47 20.62 -2.92
C MET A 338 -2.68 20.45 -4.23
N ALA A 339 -2.83 21.41 -5.15
CA ALA A 339 -2.13 21.41 -6.45
C ALA A 339 -0.83 22.20 -6.34
N THR A 340 0.01 21.76 -5.42
CA THR A 340 1.23 22.45 -5.07
C THR A 340 2.46 21.85 -5.77
N GLY A 341 2.23 20.97 -6.74
CA GLY A 341 3.31 20.46 -7.57
C GLY A 341 4.23 19.46 -6.87
N TYR A 342 5.47 19.39 -7.36
CA TYR A 342 6.42 18.32 -7.04
C TYR A 342 7.78 18.90 -6.64
N HIS A 343 8.54 18.13 -5.87
CA HIS A 343 9.91 18.50 -5.49
C HIS A 343 10.82 17.30 -5.78
N TYR A 344 12.01 17.52 -6.35
CA TYR A 344 12.99 16.43 -6.46
C TYR A 344 13.83 16.39 -5.19
N GLN A 345 14.01 15.18 -4.67
CA GLN A 345 15.03 14.94 -3.66
C GLN A 345 15.78 13.65 -4.00
N PRO A 346 17.10 13.64 -3.74
CA PRO A 346 17.96 12.56 -4.22
C PRO A 346 17.51 11.20 -3.71
N PRO A 347 17.35 10.19 -4.59
CA PRO A 347 16.82 8.90 -4.14
C PRO A 347 17.71 8.15 -3.14
N ALA A 348 17.10 7.16 -2.49
CA ALA A 348 17.76 6.43 -1.42
C ALA A 348 19.14 5.91 -1.82
N PHE A 349 19.24 5.33 -3.01
CA PHE A 349 20.50 4.69 -3.46
C PHE A 349 21.72 5.62 -3.55
N VAL A 350 21.49 6.91 -3.71
CA VAL A 350 22.57 7.90 -3.81
C VAL A 350 23.40 8.02 -2.51
N GLU A 351 22.85 7.59 -1.37
CA GLU A 351 23.62 7.48 -0.10
C GLU A 351 24.98 6.83 -0.27
N GLY A 352 25.04 5.76 -1.07
CA GLY A 352 26.28 5.04 -1.31
C GLY A 352 27.37 5.75 -2.09
N ILE A 353 27.06 6.88 -2.73
CA ILE A 353 28.06 7.68 -3.43
C ILE A 353 28.07 9.14 -2.98
N GLN A 354 27.69 9.39 -1.72
CA GLN A 354 27.62 10.76 -1.19
C GLN A 354 28.94 11.49 -1.25
N GLN A 355 30.01 10.87 -0.77
CA GLN A 355 31.31 11.55 -0.77
C GLN A 355 31.83 11.86 -2.20
N ARG A 356 31.36 11.10 -3.21
CA ARG A 356 31.75 11.34 -4.63
C ARG A 356 30.95 12.41 -5.40
N ILE A 357 29.93 12.97 -4.75
CA ILE A 357 29.03 13.95 -5.36
C ILE A 357 29.35 15.35 -4.84
N GLN A 358 29.32 16.35 -5.73
CA GLN A 358 29.54 17.74 -5.34
C GLN A 358 28.22 18.31 -4.83
N TRP A 359 28.19 18.69 -3.56
CA TRP A 359 27.01 19.30 -2.95
C TRP A 359 27.26 20.79 -2.78
N ASP A 360 26.20 21.59 -2.95
CA ASP A 360 26.27 23.04 -2.74
C ASP A 360 25.83 23.37 -1.31
N GLU A 361 25.80 24.66 -0.98
CA GLU A 361 25.50 25.15 0.39
C GLU A 361 24.15 24.70 0.99
N LYS A 362 23.17 24.37 0.13
CA LYS A 362 21.85 23.94 0.60
C LYS A 362 21.59 22.42 0.50
N ASP A 363 22.66 21.62 0.38
CA ASP A 363 22.56 20.14 0.27
C ASP A 363 21.72 19.65 -0.94
N ARG A 364 21.84 20.34 -2.07
CA ARG A 364 21.38 19.78 -3.34
C ARG A 364 22.60 19.60 -4.23
N TYR A 365 22.40 18.96 -5.37
CA TYR A 365 23.51 18.71 -6.28
C TYR A 365 24.10 20.03 -6.79
N ASP A 366 25.41 20.20 -6.64
CA ASP A 366 26.11 21.32 -7.27
C ASP A 366 26.43 20.97 -8.73
N VAL A 367 25.42 21.12 -9.59
CA VAL A 367 25.49 20.60 -10.96
C VAL A 367 26.44 21.44 -11.83
N GLN A 368 27.28 20.76 -12.62
CA GLN A 368 28.22 21.43 -13.54
C GLN A 368 27.52 21.71 -14.87
N ARG A 369 28.20 22.41 -15.76
CA ARG A 369 27.59 22.90 -17.02
C ARG A 369 27.21 21.72 -17.93
N ASN A 370 27.96 20.63 -17.85
CA ASN A 370 27.66 19.41 -18.60
C ASN A 370 26.67 18.47 -17.90
N TYR A 371 25.96 18.97 -16.89
CA TYR A 371 24.92 18.21 -16.15
C TYR A 371 25.48 17.13 -15.22
N SER A 372 26.79 17.20 -14.93
CA SER A 372 27.46 16.23 -14.07
C SER A 372 27.43 16.69 -12.60
N ILE A 373 27.39 15.73 -11.69
CA ILE A 373 27.26 15.89 -10.24
C ILE A 373 28.51 15.44 -9.47
N ASP A 374 29.43 14.77 -10.14
CA ASP A 374 30.64 14.25 -9.51
C ASP A 374 31.82 15.13 -9.92
N ARG A 375 33.02 14.73 -9.50
CA ARG A 375 34.24 15.45 -9.77
C ARG A 375 35.00 14.94 -11.00
N HIS A 376 34.42 14.03 -11.78
CA HIS A 376 35.10 13.39 -12.92
C HIS A 376 34.24 13.16 -14.19
N ASN A 377 33.10 13.85 -14.33
CA ASN A 377 32.21 13.70 -15.50
C ASN A 377 31.72 12.27 -15.74
N GLN A 378 31.21 11.67 -14.68
CA GLN A 378 30.70 10.29 -14.70
C GLN A 378 29.25 10.10 -14.20
N VAL A 379 28.81 10.93 -13.24
CA VAL A 379 27.46 10.84 -12.70
C VAL A 379 26.73 12.08 -13.21
N PHE A 380 25.76 11.87 -14.08
CA PHE A 380 24.97 12.95 -14.69
C PHE A 380 23.54 12.95 -14.19
N VAL A 381 22.85 14.08 -14.34
CA VAL A 381 21.47 14.18 -13.89
C VAL A 381 20.60 14.81 -14.96
N GLN A 382 19.35 14.35 -15.05
CA GLN A 382 18.35 14.87 -15.99
C GLN A 382 17.27 15.52 -15.19
N ASN A 383 17.04 16.82 -15.36
CA ASN A 383 16.11 17.58 -14.50
C ASN A 383 16.75 17.63 -13.10
N ALA A 384 16.32 18.50 -12.20
CA ALA A 384 17.00 18.67 -10.89
C ALA A 384 18.26 19.53 -10.98
N GLU A 385 18.40 20.29 -12.07
CA GLU A 385 19.43 21.34 -12.19
C GLU A 385 18.82 22.74 -12.37
N LEU A 386 17.57 22.90 -11.96
CA LEU A 386 16.84 24.18 -11.99
C LEU A 386 17.60 25.33 -11.32
N HIS A 387 18.27 25.01 -10.20
CA HIS A 387 19.00 26.00 -9.41
C HIS A 387 20.28 26.54 -10.08
N THR A 388 20.83 25.76 -11.03
CA THR A 388 22.09 26.12 -11.70
C THR A 388 22.04 26.22 -13.24
N HIS A 389 20.99 25.68 -13.88
CA HIS A 389 20.76 25.85 -15.32
C HIS A 389 19.51 26.66 -15.69
N GLY A 390 18.74 27.04 -14.67
CA GLY A 390 17.66 28.02 -14.85
C GLY A 390 16.32 27.41 -15.22
N PHE A 391 15.40 28.28 -15.61
CA PHE A 391 14.00 27.91 -15.93
C PHE A 391 13.79 26.87 -17.05
N VAL A 392 14.85 26.53 -17.79
CA VAL A 392 14.77 25.69 -18.99
C VAL A 392 14.75 24.17 -18.66
N THR A 393 14.95 23.81 -17.39
CA THR A 393 15.31 22.43 -17.02
C THR A 393 14.14 21.40 -17.11
N PRO A 394 12.94 21.73 -16.58
CA PRO A 394 11.79 20.79 -16.77
C PRO A 394 11.16 20.75 -18.18
N ASP A 395 11.67 21.58 -19.11
CA ASP A 395 11.13 21.72 -20.46
C ASP A 395 11.46 20.47 -21.28
N LEU A 396 10.42 19.80 -21.79
CA LEU A 396 10.59 18.75 -22.80
C LEU A 396 11.30 19.26 -24.05
N GLY A 397 11.10 20.55 -24.35
CA GLY A 397 11.77 21.24 -25.45
C GLY A 397 13.28 21.30 -25.41
N MET A 398 13.88 21.18 -24.22
CA MET A 398 15.34 21.12 -24.10
C MET A 398 15.87 19.76 -23.64
N ALA A 399 15.06 18.73 -23.87
CA ALA A 399 15.42 17.35 -23.55
C ALA A 399 16.47 16.85 -24.54
N CYS A 400 16.21 17.07 -25.83
CA CYS A 400 17.19 16.73 -26.87
C CYS A 400 18.51 17.50 -26.75
N TYR A 401 18.46 18.78 -26.39
CA TYR A 401 19.70 19.55 -26.16
C TYR A 401 20.52 18.85 -25.08
N ARG A 402 19.91 18.63 -23.91
CA ARG A 402 20.64 18.05 -22.76
C ARG A 402 21.15 16.65 -23.10
N ASN A 403 20.29 15.81 -23.67
CA ASN A 403 20.68 14.47 -24.11
C ASN A 403 21.85 14.50 -25.11
N SER A 404 21.84 15.48 -26.01
CA SER A 404 22.94 15.64 -26.96
C SER A 404 24.29 16.00 -26.33
N VAL A 405 24.27 16.74 -25.22
CA VAL A 405 25.54 17.09 -24.53
C VAL A 405 25.96 15.94 -23.60
N LEU A 406 24.99 15.21 -23.08
CA LEU A 406 25.29 13.99 -22.34
C LEU A 406 26.00 13.02 -23.25
N LEU A 407 25.44 12.80 -24.45
CA LEU A 407 26.08 11.88 -25.39
C LEU A 407 27.48 12.35 -25.80
N ARG A 408 27.69 13.67 -25.88
CA ARG A 408 29.01 14.22 -26.17
C ARG A 408 30.03 13.92 -25.07
N GLU A 409 29.61 13.99 -23.81
CA GLU A 409 30.49 13.66 -22.70
C GLU A 409 30.76 12.17 -22.61
N ILE A 410 29.68 11.38 -22.66
CA ILE A 410 29.75 9.93 -22.58
C ILE A 410 30.66 9.37 -23.67
N THR A 411 30.37 9.69 -24.93
CA THR A 411 31.12 9.14 -26.07
C THR A 411 32.36 9.89 -26.57
N GLY A 412 32.60 11.14 -26.16
CA GLY A 412 33.78 11.89 -26.65
C GLY A 412 33.50 12.68 -27.94
N ARG A 413 32.95 12.01 -28.94
CA ARG A 413 32.46 12.65 -30.19
C ARG A 413 31.20 13.50 -29.99
N GLU A 414 30.95 14.43 -30.91
CA GLU A 414 29.69 15.14 -30.96
C GLU A 414 28.71 14.31 -31.82
N VAL A 415 27.94 13.44 -31.17
CA VAL A 415 27.10 12.49 -31.90
C VAL A 415 25.94 13.19 -32.60
N TYR A 416 25.26 14.07 -31.88
CA TYR A 416 24.21 14.88 -32.48
C TYR A 416 24.62 16.34 -32.41
N PRO A 417 24.63 17.03 -33.58
CA PRO A 417 25.08 18.41 -33.60
C PRO A 417 24.15 19.29 -32.78
N VAL A 418 24.74 20.18 -31.99
CA VAL A 418 24.01 20.96 -31.01
C VAL A 418 23.92 22.40 -31.48
N GLU A 419 22.73 22.86 -31.81
CA GLU A 419 22.57 24.14 -32.56
C GLU A 419 22.84 25.38 -31.71
N ARG A 420 24.03 25.98 -31.83
CA ARG A 420 24.50 27.00 -30.88
C ARG A 420 24.42 28.43 -31.46
N GLN A 421 23.72 28.59 -32.58
CA GLN A 421 23.40 29.93 -33.08
C GLN A 421 22.06 29.95 -33.85
N ILE A 422 20.99 29.97 -33.06
CA ILE A 422 19.59 30.06 -33.57
C ILE A 422 18.93 31.41 -33.27
N ALA A 423 19.49 32.22 -32.37
CA ALA A 423 18.77 33.34 -31.79
C ALA A 423 19.16 34.73 -32.31
N PHE A 424 18.15 35.51 -32.64
CA PHE A 424 18.32 36.88 -33.12
C PHE A 424 18.88 37.86 -32.09
N GLN A 425 18.56 37.66 -30.82
CA GLN A 425 19.08 38.49 -29.73
C GLN A 425 20.53 38.17 -29.47
N THR A 426 21.22 39.12 -28.85
CA THR A 426 22.49 38.88 -28.19
C THR A 426 22.22 39.09 -26.70
N PHE A 427 22.44 38.04 -25.92
CA PHE A 427 22.22 38.09 -24.48
C PHE A 427 23.34 38.75 -23.66
N PRO A 428 24.62 38.34 -23.87
CA PRO A 428 25.66 38.99 -23.09
C PRO A 428 26.00 40.39 -23.59
N ALA A 429 26.69 41.15 -22.74
CA ALA A 429 27.30 42.40 -23.16
C ALA A 429 28.22 42.10 -24.33
N GLN A 430 28.32 43.04 -25.27
CA GLN A 430 29.18 42.90 -26.43
C GLN A 430 29.48 44.25 -27.08
N SER A 431 30.72 44.70 -26.95
CA SER A 431 31.14 45.97 -27.53
C SER A 431 31.30 45.91 -29.05
N GLU A 432 31.48 47.09 -29.64
CA GLU A 432 31.63 47.28 -31.07
C GLU A 432 32.72 48.32 -31.36
N ASN B 6 1.39 5.10 -7.87
CA ASN B 6 2.73 5.74 -7.97
C ASN B 6 3.88 4.70 -7.92
N THR B 7 4.25 4.24 -6.71
CA THR B 7 5.30 3.21 -6.54
C THR B 7 4.67 1.81 -6.46
N ILE B 8 5.18 0.86 -7.24
CA ILE B 8 4.65 -0.51 -7.18
C ILE B 8 5.30 -1.31 -6.04
N TYR B 9 4.49 -1.99 -5.24
CA TYR B 9 5.00 -2.75 -4.08
C TYR B 9 5.34 -4.17 -4.50
N ASP B 10 6.28 -4.79 -3.78
CA ASP B 10 6.66 -6.20 -4.04
C ASP B 10 5.52 -7.10 -3.62
N PHE B 11 4.93 -6.76 -2.47
CA PHE B 11 3.68 -7.35 -2.04
C PHE B 11 2.89 -6.37 -1.17
N ILE B 12 1.56 -6.55 -1.14
CA ILE B 12 0.69 -5.86 -0.20
C ILE B 12 -0.03 -6.90 0.64
N GLY B 13 0.02 -6.74 1.95
CA GLY B 13 -0.75 -7.57 2.86
C GLY B 13 -2.05 -6.85 3.15
N ILE B 14 -3.17 -7.54 2.99
CA ILE B 14 -4.49 -6.96 3.30
C ILE B 14 -5.04 -7.66 4.53
N GLY B 15 -5.16 -6.92 5.62
CA GLY B 15 -5.54 -7.44 6.93
C GLY B 15 -4.31 -7.53 7.80
N ILE B 16 -4.39 -7.05 9.04
CA ILE B 16 -3.29 -7.14 10.00
C ILE B 16 -3.79 -7.83 11.26
N GLY B 17 -3.98 -9.13 11.12
CA GLY B 17 -4.17 -10.01 12.26
C GLY B 17 -2.80 -10.42 12.73
N PRO B 18 -2.73 -11.35 13.70
CA PRO B 18 -1.42 -11.81 14.17
C PRO B 18 -0.58 -12.46 13.09
N PHE B 19 -1.21 -13.09 12.10
CA PHE B 19 -0.47 -13.66 10.98
C PHE B 19 0.22 -12.63 10.08
N ASN B 20 -0.51 -11.66 9.53
CA ASN B 20 0.14 -10.59 8.72
C ASN B 20 0.99 -9.66 9.55
N LEU B 21 0.67 -9.48 10.83
CA LEU B 21 1.55 -8.71 11.71
C LEU B 21 2.88 -9.43 11.86
N GLY B 22 2.84 -10.76 11.90
CA GLY B 22 4.03 -11.60 11.86
C GLY B 22 4.81 -11.36 10.59
N LEU B 23 4.17 -11.58 9.45
CA LEU B 23 4.81 -11.32 8.15
C LEU B 23 5.46 -9.95 8.10
N ALA B 24 4.80 -8.95 8.68
CA ALA B 24 5.30 -7.59 8.71
C ALA B 24 6.60 -7.47 9.49
N CYS B 25 6.67 -8.08 10.67
CA CYS B 25 7.90 -8.06 11.46
C CYS B 25 9.03 -8.82 10.76
N LEU B 26 8.67 -9.91 10.11
CA LEU B 26 9.66 -10.70 9.41
C LEU B 26 10.13 -10.02 8.14
N SER B 27 9.24 -9.31 7.44
CA SER B 27 9.60 -8.64 6.16
C SER B 27 10.33 -7.32 6.32
N GLU B 28 10.08 -6.57 7.41
CA GLU B 28 10.70 -5.23 7.58
C GLU B 28 12.22 -5.18 7.35
N PRO B 29 13.02 -6.05 8.01
CA PRO B 29 14.48 -5.98 7.85
C PRO B 29 15.05 -6.63 6.59
N VAL B 30 14.22 -7.27 5.76
CA VAL B 30 14.70 -7.90 4.53
C VAL B 30 15.13 -6.84 3.49
N GLU B 31 16.36 -6.96 3.00
CA GLU B 31 16.91 -6.07 1.97
C GLU B 31 16.18 -6.27 0.64
N GLY B 32 15.85 -5.16 -0.02
CA GLY B 32 15.18 -5.20 -1.32
C GLY B 32 13.78 -5.78 -1.29
N LEU B 33 13.07 -5.56 -0.19
CA LEU B 33 11.69 -5.96 -0.08
C LEU B 33 10.88 -4.76 0.35
N ASN B 34 10.05 -4.26 -0.55
CA ASN B 34 9.14 -3.15 -0.27
C ASN B 34 7.74 -3.71 -0.19
N GLY B 35 7.26 -3.81 1.05
CA GLY B 35 5.95 -4.36 1.35
C GLY B 35 5.18 -3.41 2.25
N VAL B 36 3.87 -3.49 2.15
CA VAL B 36 3.00 -2.66 2.96
C VAL B 36 1.76 -3.46 3.36
N PHE B 37 1.20 -3.10 4.51
CA PHE B 37 0.09 -3.82 5.09
C PHE B 37 -1.05 -2.88 5.39
N LEU B 38 -2.24 -3.25 4.93
CA LEU B 38 -3.44 -2.42 5.02
C LEU B 38 -4.47 -3.06 5.93
N ASP B 39 -4.99 -2.33 6.92
CA ASP B 39 -6.07 -2.82 7.79
C ASP B 39 -7.09 -1.70 8.03
N GLN B 40 -8.37 -2.07 8.17
CA GLN B 40 -9.45 -1.09 8.28
C GLN B 40 -9.64 -0.51 9.69
N ASN B 41 -9.21 -1.24 10.71
CA ASN B 41 -9.31 -0.79 12.10
C ASN B 41 -8.26 0.27 12.38
N PRO B 42 -8.43 1.04 13.49
CA PRO B 42 -7.47 2.10 13.82
C PRO B 42 -6.17 1.62 14.46
N GLY B 43 -6.16 0.39 14.97
CA GLY B 43 -4.94 -0.21 15.49
C GLY B 43 -5.14 -1.69 15.67
N PHE B 44 -4.10 -2.36 16.15
CA PHE B 44 -4.21 -3.78 16.45
C PHE B 44 -4.97 -3.90 17.74
N ASP B 45 -5.98 -4.76 17.75
CA ASP B 45 -6.78 -5.01 18.93
C ASP B 45 -7.47 -6.35 18.72
N TRP B 46 -6.88 -7.37 19.34
CA TRP B 46 -7.17 -8.78 19.01
C TRP B 46 -8.11 -9.40 20.02
N HIS B 47 -9.27 -9.82 19.50
CA HIS B 47 -10.27 -10.61 20.23
C HIS B 47 -10.47 -10.14 21.67
N THR B 48 -10.91 -8.88 21.80
CA THR B 48 -11.08 -8.21 23.12
C THR B 48 -12.37 -8.54 23.85
N GLY B 49 -13.34 -9.14 23.14
CA GLY B 49 -14.54 -9.68 23.79
C GLY B 49 -14.29 -10.92 24.64
N MET B 50 -13.23 -11.65 24.34
CA MET B 50 -12.80 -12.86 25.04
C MET B 50 -11.56 -12.65 25.90
N MET B 51 -11.18 -11.40 26.14
CA MET B 51 -9.92 -11.13 26.81
C MET B 51 -10.12 -11.04 28.31
N LEU B 52 -10.38 -12.21 28.90
CA LEU B 52 -10.66 -12.35 30.31
C LEU B 52 -9.33 -12.29 31.06
N GLU B 53 -9.35 -11.76 32.28
CA GLU B 53 -8.15 -11.66 33.12
C GLU B 53 -7.39 -12.99 33.28
N SER B 54 -8.13 -14.07 33.43
CA SER B 54 -7.53 -15.38 33.64
C SER B 54 -7.09 -16.08 32.36
N ALA B 55 -7.53 -15.60 31.20
CA ALA B 55 -7.32 -16.30 29.91
C ALA B 55 -5.86 -16.27 29.42
N HIS B 56 -5.31 -17.43 29.10
CA HIS B 56 -3.99 -17.55 28.45
C HIS B 56 -4.10 -18.00 27.01
N LEU B 57 -3.02 -17.83 26.27
CA LEU B 57 -2.85 -18.50 24.99
C LEU B 57 -2.66 -20.01 25.19
N GLN B 58 -2.97 -20.76 24.15
CA GLN B 58 -2.90 -22.23 24.19
C GLN B 58 -1.58 -22.74 23.64
N THR B 59 -0.58 -21.86 23.64
CA THR B 59 0.56 -21.96 22.75
C THR B 59 1.75 -21.29 23.47
N PRO B 60 2.91 -21.95 23.55
CA PRO B 60 4.05 -21.37 24.29
C PRO B 60 4.54 -20.09 23.66
N PHE B 61 5.21 -19.25 24.44
CA PHE B 61 5.57 -17.90 23.99
C PHE B 61 6.50 -17.83 22.78
N MET B 62 7.27 -18.88 22.50
CA MET B 62 8.08 -18.96 21.27
C MET B 62 7.24 -18.87 20.01
N ALA B 63 5.94 -19.18 20.10
CA ALA B 63 5.00 -18.87 19.03
C ALA B 63 4.47 -17.44 19.23
N ASP B 64 5.40 -16.51 19.04
CA ASP B 64 5.15 -15.10 19.02
C ASP B 64 5.18 -14.71 17.53
N LEU B 65 5.55 -13.48 17.19
CA LEU B 65 5.43 -13.01 15.81
C LEU B 65 6.57 -13.49 14.90
N VAL B 66 7.70 -13.84 15.51
CA VAL B 66 9.00 -13.98 14.82
C VAL B 66 9.93 -15.12 15.26
N THR B 67 9.95 -15.45 16.56
CA THR B 67 10.96 -16.37 17.13
C THR B 67 11.15 -17.72 16.39
N LEU B 68 10.09 -18.33 15.85
CA LEU B 68 10.28 -19.64 15.18
C LEU B 68 10.93 -19.53 13.80
N ALA B 69 10.99 -18.31 13.27
CA ALA B 69 11.75 -18.02 12.07
C ALA B 69 13.08 -17.34 12.39
N ASP B 70 13.11 -16.50 13.43
CA ASP B 70 14.28 -15.70 13.76
C ASP B 70 14.24 -15.20 15.19
N PRO B 71 14.82 -15.97 16.12
CA PRO B 71 14.89 -15.56 17.52
C PRO B 71 15.66 -14.28 17.79
N THR B 72 16.52 -13.86 16.87
CA THR B 72 17.26 -12.61 17.03
C THR B 72 16.45 -11.35 16.67
N SER B 73 15.25 -11.52 16.07
CA SER B 73 14.42 -10.37 15.70
C SER B 73 14.07 -9.54 16.91
N PRO B 74 14.13 -8.21 16.75
CA PRO B 74 13.73 -7.33 17.85
C PRO B 74 12.22 -7.35 18.13
N TYR B 75 11.41 -7.93 17.25
CA TYR B 75 9.97 -8.10 17.52
C TYR B 75 9.62 -9.32 18.37
N SER B 76 10.61 -9.99 18.94
CA SER B 76 10.34 -11.17 19.77
C SER B 76 9.62 -10.77 21.05
N LEU B 77 8.88 -11.72 21.59
CA LEU B 77 8.22 -11.56 22.89
C LEU B 77 9.23 -11.33 24.02
N LEU B 78 10.37 -12.02 23.96
CA LEU B 78 11.43 -11.84 24.94
C LEU B 78 12.05 -10.45 24.86
N ASN B 79 12.22 -9.94 23.65
CA ASN B 79 12.75 -8.57 23.50
C ASN B 79 11.75 -7.53 23.99
N PHE B 80 10.47 -7.77 23.72
CA PHE B 80 9.40 -6.91 24.23
C PHE B 80 9.48 -6.81 25.75
N MET B 81 9.63 -7.96 26.36
CA MET B 81 9.68 -8.06 27.80
C MET B 81 10.89 -7.28 28.31
N LYS B 82 11.98 -7.32 27.56
CA LYS B 82 13.21 -6.61 27.92
C LYS B 82 13.06 -5.09 27.84
N GLN B 83 12.47 -4.60 26.75
CA GLN B 83 12.29 -3.17 26.55
C GLN B 83 11.32 -2.58 27.56
N LYS B 84 10.22 -3.27 27.82
CA LYS B 84 9.32 -2.90 28.92
C LYS B 84 9.96 -2.94 30.30
N GLY B 85 11.12 -3.58 30.44
CA GLY B 85 11.89 -3.55 31.68
C GLY B 85 11.38 -4.53 32.72
N LYS B 86 10.76 -5.62 32.26
CA LYS B 86 10.17 -6.65 33.12
C LYS B 86 10.63 -8.09 32.82
N LEU B 87 11.68 -8.27 32.04
CA LEU B 87 12.07 -9.61 31.60
C LEU B 87 12.41 -10.49 32.78
N TYR B 88 12.97 -9.92 33.84
CA TYR B 88 13.32 -10.72 35.00
C TYR B 88 12.08 -11.22 35.72
N SER B 89 11.02 -10.42 35.70
CA SER B 89 9.76 -10.85 36.29
C SER B 89 9.17 -12.01 35.50
N PHE B 90 9.20 -11.89 34.18
CA PHE B 90 8.76 -12.97 33.29
C PHE B 90 9.57 -14.28 33.49
N TYR B 91 10.86 -14.12 33.81
CA TYR B 91 11.78 -15.22 34.10
C TYR B 91 11.38 -15.92 35.37
N ILE B 92 11.12 -15.14 36.42
CA ILE B 92 10.58 -15.66 37.69
C ILE B 92 9.20 -16.31 37.51
N ARG B 93 8.32 -15.71 36.72
CA ARG B 93 7.01 -16.32 36.43
C ARG B 93 7.19 -17.75 35.89
N GLU B 94 8.14 -17.95 34.97
CA GLU B 94 8.48 -19.28 34.45
C GLU B 94 7.21 -20.01 33.97
N ASP B 95 6.50 -19.36 33.06
CA ASP B 95 5.27 -19.88 32.51
C ASP B 95 5.36 -19.70 31.01
N PHE B 96 5.23 -20.81 30.28
CA PHE B 96 5.28 -20.76 28.82
C PHE B 96 4.15 -19.97 28.16
N PHE B 97 3.01 -19.83 28.84
CA PHE B 97 1.79 -19.35 28.19
C PHE B 97 1.46 -17.94 28.61
N LEU B 98 1.49 -17.05 27.62
CA LEU B 98 1.20 -15.66 27.87
C LEU B 98 -0.29 -15.48 28.19
N MET B 99 -0.58 -14.52 29.05
CA MET B 99 -1.94 -14.04 29.24
C MET B 99 -2.38 -13.38 27.92
N ARG B 100 -3.62 -13.55 27.50
CA ARG B 100 -4.11 -12.86 26.29
C ARG B 100 -3.95 -11.37 26.38
N LYS B 101 -4.13 -10.81 27.56
CA LYS B 101 -3.93 -9.38 27.75
C LYS B 101 -2.49 -8.99 27.43
N GLU B 102 -1.53 -9.79 27.85
CA GLU B 102 -0.13 -9.48 27.59
C GLU B 102 0.21 -9.69 26.11
N TYR B 103 -0.34 -10.72 25.48
CA TYR B 103 -0.07 -10.95 24.06
C TYR B 103 -0.56 -9.80 23.25
N ASN B 104 -1.74 -9.29 23.64
CA ASN B 104 -2.35 -8.16 22.97
C ASN B 104 -1.48 -6.92 23.14
N GLN B 105 -1.02 -6.66 24.37
CA GLN B 105 -0.09 -5.56 24.64
C GLN B 105 1.19 -5.68 23.82
N TYR B 106 1.72 -6.90 23.73
CA TYR B 106 2.91 -7.19 22.93
C TYR B 106 2.69 -6.94 21.42
N CYS B 107 1.59 -7.45 20.87
CA CYS B 107 1.27 -7.21 19.47
C CYS B 107 1.11 -5.73 19.16
N GLN B 108 0.58 -4.97 20.12
CA GLN B 108 0.38 -3.53 19.95
C GLN B 108 1.71 -2.82 19.95
N TRP B 109 2.59 -3.18 20.88
CA TRP B 109 3.96 -2.67 20.88
C TRP B 109 4.68 -2.93 19.56
N ALA B 110 4.55 -4.13 19.02
CA ALA B 110 5.16 -4.45 17.74
C ALA B 110 4.57 -3.60 16.61
N ALA B 111 3.24 -3.53 16.55
CA ALA B 111 2.56 -2.76 15.52
C ALA B 111 2.97 -1.29 15.54
N GLU B 112 3.15 -0.74 16.73
CA GLU B 112 3.61 0.64 16.91
C GLU B 112 5.05 0.81 16.37
N ARG B 113 5.96 -0.12 16.71
CA ARG B 113 7.37 -0.04 16.30
C ARG B 113 7.56 -0.12 14.77
N LEU B 114 6.68 -0.85 14.10
CA LEU B 114 6.81 -1.08 12.67
C LEU B 114 6.52 0.16 11.84
N GLY B 115 7.14 0.19 10.67
CA GLY B 115 6.90 1.21 9.67
C GLY B 115 5.97 0.80 8.52
N ASN B 116 5.85 -0.50 8.27
CA ASN B 116 5.16 -0.98 7.06
C ASN B 116 3.65 -1.19 7.21
N LEU B 117 3.05 -0.70 8.30
CA LEU B 117 1.61 -0.86 8.52
C LEU B 117 0.85 0.42 8.20
N ARG B 118 -0.31 0.29 7.55
CA ARG B 118 -1.20 1.41 7.25
C ARG B 118 -2.58 1.13 7.83
N TRP B 119 -2.87 1.73 8.97
CA TRP B 119 -4.17 1.55 9.63
C TRP B 119 -5.26 2.43 8.99
N ASN B 120 -6.50 2.24 9.41
CA ASN B 120 -7.65 3.03 8.91
C ASN B 120 -7.76 3.00 7.38
N THR B 121 -7.59 1.83 6.79
CA THR B 121 -7.55 1.64 5.34
C THR B 121 -8.36 0.41 4.95
N ARG B 122 -9.63 0.64 4.58
CA ARG B 122 -10.52 -0.44 4.18
C ARG B 122 -10.34 -0.69 2.70
N VAL B 123 -9.89 -1.88 2.35
CA VAL B 123 -9.80 -2.30 0.96
C VAL B 123 -11.20 -2.61 0.46
N GLU B 124 -11.57 -2.02 -0.67
CA GLU B 124 -12.93 -2.13 -1.22
C GLU B 124 -13.02 -2.94 -2.50
N TYR B 125 -11.98 -2.90 -3.33
CA TYR B 125 -11.94 -3.65 -4.57
C TYR B 125 -10.49 -3.96 -4.96
N VAL B 126 -10.29 -5.12 -5.57
CA VAL B 126 -9.00 -5.52 -6.11
C VAL B 126 -9.21 -6.00 -7.54
N SER B 127 -8.27 -5.70 -8.42
CA SER B 127 -8.35 -6.09 -9.82
C SER B 127 -6.96 -6.30 -10.40
N TYR B 128 -6.88 -7.07 -11.48
CA TYR B 128 -5.63 -7.32 -12.19
C TYR B 128 -5.53 -6.44 -13.41
N ASP B 129 -4.50 -5.61 -13.43
CA ASP B 129 -4.24 -4.72 -14.56
C ASP B 129 -3.44 -5.46 -15.63
N ASP B 130 -4.09 -5.79 -16.75
CA ASP B 130 -3.42 -6.56 -17.81
C ASP B 130 -2.25 -5.81 -18.43
N ASN B 131 -2.38 -4.49 -18.53
CA ASN B 131 -1.37 -3.63 -19.16
C ASN B 131 -0.14 -3.41 -18.27
N LEU B 132 -0.35 -3.12 -16.99
CA LEU B 132 0.77 -3.03 -16.02
C LEU B 132 1.27 -4.40 -15.51
N GLN B 133 0.50 -5.47 -15.76
CA GLN B 133 0.85 -6.83 -15.32
C GLN B 133 0.97 -6.99 -13.79
N CYS B 134 0.12 -6.29 -13.04
CA CYS B 134 0.14 -6.34 -11.57
C CYS B 134 -1.27 -6.14 -10.98
N TYR B 135 -1.36 -6.18 -9.65
CA TYR B 135 -2.64 -6.05 -8.95
C TYR B 135 -2.87 -4.61 -8.47
N ARG B 136 -4.12 -4.17 -8.59
CA ARG B 136 -4.53 -2.81 -8.24
C ARG B 136 -5.52 -2.92 -7.10
N VAL B 137 -5.18 -2.37 -5.94
CA VAL B 137 -5.97 -2.49 -4.71
C VAL B 137 -6.57 -1.14 -4.36
N ARG B 138 -7.89 -1.02 -4.44
CA ARG B 138 -8.57 0.25 -4.14
C ARG B 138 -9.02 0.30 -2.68
N SER B 139 -8.44 1.23 -1.93
CA SER B 139 -8.76 1.43 -0.52
C SER B 139 -9.62 2.67 -0.29
N THR B 140 -10.14 2.76 0.93
CA THR B 140 -10.90 3.93 1.40
C THR B 140 -10.44 4.22 2.81
N ASP B 141 -9.99 5.45 3.08
CA ASP B 141 -9.61 5.84 4.44
C ASP B 141 -10.85 5.93 5.33
N THR B 142 -10.87 5.17 6.41
CA THR B 142 -12.04 5.06 7.28
C THR B 142 -12.41 6.37 7.97
N VAL B 143 -11.41 7.16 8.35
CA VAL B 143 -11.66 8.42 9.08
C VAL B 143 -12.09 9.53 8.12
N SER B 144 -11.43 9.65 6.97
CA SER B 144 -11.64 10.77 6.04
C SER B 144 -12.43 10.45 4.76
N GLY B 145 -12.63 9.18 4.43
CA GLY B 145 -13.32 8.79 3.19
C GLY B 145 -12.47 8.78 1.92
N LYS B 146 -11.23 9.25 2.03
CA LYS B 146 -10.33 9.43 0.88
C LYS B 146 -10.04 8.12 0.14
N GLN B 147 -10.16 8.13 -1.19
CA GLN B 147 -9.82 6.99 -2.03
C GLN B 147 -8.31 6.99 -2.30
N GLN B 148 -7.73 5.79 -2.30
CA GLN B 148 -6.33 5.61 -2.75
C GLN B 148 -6.24 4.27 -3.46
N GLU B 149 -5.30 4.19 -4.41
CA GLU B 149 -5.01 2.94 -5.14
C GLU B 149 -3.58 2.54 -4.87
N TRP B 150 -3.39 1.26 -4.58
CA TRP B 150 -2.10 0.71 -4.27
C TRP B 150 -1.81 -0.30 -5.37
N LEU B 151 -0.59 -0.24 -5.89
CA LEU B 151 -0.15 -1.17 -6.92
C LEU B 151 0.78 -2.19 -6.31
N ALA B 152 0.70 -3.42 -6.80
CA ALA B 152 1.53 -4.51 -6.24
C ALA B 152 1.59 -5.75 -7.12
N HIS B 153 2.76 -6.37 -7.13
CA HIS B 153 2.99 -7.59 -7.89
C HIS B 153 2.31 -8.79 -7.24
N ARG B 154 2.30 -8.79 -5.90
CA ARG B 154 1.76 -9.87 -5.10
C ARG B 154 0.87 -9.38 -3.97
N LEU B 155 -0.16 -10.16 -3.67
CA LEU B 155 -1.04 -9.91 -2.52
C LEU B 155 -0.94 -11.06 -1.52
N VAL B 156 -1.08 -10.75 -0.24
CA VAL B 156 -1.19 -11.78 0.78
C VAL B 156 -2.40 -11.41 1.65
N LEU B 157 -3.43 -12.25 1.57
CA LEU B 157 -4.73 -12.01 2.20
C LEU B 157 -4.78 -12.59 3.62
N GLY B 158 -4.58 -11.74 4.63
CA GLY B 158 -4.66 -12.13 6.03
C GLY B 158 -5.89 -11.53 6.70
N THR B 159 -7.01 -11.58 5.97
CA THR B 159 -8.28 -10.92 6.31
C THR B 159 -8.88 -11.51 7.59
N GLY B 160 -8.69 -12.80 7.80
CA GLY B 160 -9.25 -13.48 8.94
C GLY B 160 -10.69 -13.91 8.75
N PRO B 161 -11.18 -14.79 9.65
CA PRO B 161 -12.51 -15.33 9.52
C PRO B 161 -13.47 -14.47 10.31
N SER B 162 -14.77 -14.66 10.09
CA SER B 162 -15.80 -13.87 10.75
C SER B 162 -16.60 -14.73 11.72
N ALA B 163 -17.16 -14.09 12.74
CA ALA B 163 -17.99 -14.76 13.73
C ALA B 163 -19.15 -15.47 13.03
N TRP B 164 -19.51 -16.64 13.53
CA TRP B 164 -20.54 -17.47 12.93
C TRP B 164 -21.51 -17.99 13.98
N SER B 165 -22.81 -17.90 13.66
CA SER B 165 -23.89 -18.48 14.46
C SER B 165 -24.75 -19.36 13.56
N PRO B 166 -25.43 -20.39 14.12
CA PRO B 166 -26.26 -21.27 13.30
C PRO B 166 -27.31 -20.53 12.48
N ALA B 167 -27.66 -21.08 11.32
CA ALA B 167 -28.60 -20.44 10.39
C ALA B 167 -29.93 -20.04 11.03
N CYS B 168 -30.44 -20.90 11.90
CA CYS B 168 -31.73 -20.67 12.58
C CYS B 168 -31.72 -19.54 13.62
N SER B 169 -30.54 -19.10 14.05
CA SER B 169 -30.40 -18.00 15.03
C SER B 169 -30.46 -16.57 14.44
N GLN B 170 -30.37 -16.43 13.11
CA GLN B 170 -30.26 -15.08 12.48
C GLN B 170 -31.35 -14.09 12.88
N PRO B 171 -32.60 -14.56 13.06
CA PRO B 171 -33.63 -13.63 13.50
C PRO B 171 -33.52 -13.11 14.95
N TYR B 172 -32.59 -13.62 15.75
CA TYR B 172 -32.47 -13.21 17.15
C TYR B 172 -31.08 -12.68 17.49
N ARG B 173 -30.32 -12.28 16.47
CA ARG B 173 -29.01 -11.64 16.63
C ARG B 173 -29.01 -10.57 17.70
N GLU B 174 -30.12 -9.82 17.78
CA GLU B 174 -30.26 -8.75 18.78
C GLU B 174 -30.28 -9.24 20.24
N ARG B 175 -30.79 -10.45 20.50
CA ARG B 175 -30.96 -10.97 21.89
C ARG B 175 -29.80 -11.79 22.42
N PHE B 176 -29.32 -12.75 21.64
CA PHE B 176 -28.20 -13.57 22.06
C PHE B 176 -26.87 -12.82 21.86
N VAL B 177 -25.82 -13.34 22.48
CA VAL B 177 -24.48 -12.76 22.43
C VAL B 177 -23.52 -13.80 21.86
N HIS B 178 -22.78 -13.46 20.81
CA HIS B 178 -21.71 -14.33 20.31
C HIS B 178 -20.52 -14.23 21.28
N SER B 179 -19.69 -15.27 21.33
CA SER B 179 -18.56 -15.27 22.26
C SER B 179 -17.71 -14.01 22.12
N SER B 180 -17.48 -13.60 20.87
CA SER B 180 -16.72 -12.38 20.53
C SER B 180 -17.22 -11.08 21.16
N GLU B 181 -18.52 -11.03 21.51
CA GLU B 181 -19.10 -9.87 22.16
C GLU B 181 -19.37 -10.12 23.66
N TYR B 182 -18.71 -11.12 24.25
CA TYR B 182 -19.04 -11.59 25.59
C TYR B 182 -18.74 -10.54 26.66
N LEU B 183 -17.51 -10.06 26.71
CA LEU B 183 -17.14 -9.13 27.78
C LEU B 183 -18.01 -7.88 27.82
N LEU B 184 -18.45 -7.39 26.68
CA LEU B 184 -19.35 -6.21 26.61
C LEU B 184 -20.74 -6.51 27.20
N ASN B 185 -21.23 -7.73 27.00
CA ASN B 185 -22.56 -8.13 27.44
C ASN B 185 -22.60 -8.94 28.76
N LYS B 186 -21.46 -9.10 29.43
CA LYS B 186 -21.37 -9.97 30.59
C LYS B 186 -22.24 -9.46 31.73
N GLU B 187 -22.10 -8.17 32.03
CA GLU B 187 -22.85 -7.55 33.09
C GLU B 187 -24.37 -7.72 32.85
N LYS B 188 -24.81 -7.62 31.59
CA LYS B 188 -26.21 -7.78 31.21
C LYS B 188 -26.67 -9.24 31.28
N LEU B 189 -25.77 -10.16 30.96
CA LEU B 189 -26.06 -11.59 31.09
C LEU B 189 -26.25 -12.00 32.56
N GLN B 190 -25.35 -11.53 33.42
CA GLN B 190 -25.36 -11.93 34.84
C GLN B 190 -26.59 -11.44 35.63
N LYS B 191 -27.28 -10.41 35.13
CA LYS B 191 -28.58 -9.99 35.69
C LYS B 191 -29.74 -10.95 35.39
N LYS B 192 -29.57 -11.82 34.40
CA LYS B 192 -30.64 -12.74 34.00
C LYS B 192 -30.78 -13.92 34.96
N ARG B 193 -31.94 -14.58 34.89
CA ARG B 193 -32.26 -15.73 35.74
C ARG B 193 -31.55 -16.99 35.27
N SER B 194 -31.33 -17.11 33.95
CA SER B 194 -30.68 -18.29 33.35
C SER B 194 -29.80 -17.88 32.19
N ILE B 195 -28.65 -18.54 32.05
CA ILE B 195 -27.72 -18.32 30.95
C ILE B 195 -27.39 -19.68 30.36
N THR B 196 -27.27 -19.76 29.04
CA THR B 196 -26.91 -21.00 28.37
C THR B 196 -25.79 -20.77 27.38
N VAL B 197 -24.64 -21.40 27.63
CA VAL B 197 -23.56 -21.39 26.67
C VAL B 197 -23.79 -22.52 25.67
N LEU B 198 -23.82 -22.17 24.39
CA LEU B 198 -24.08 -23.12 23.33
C LEU B 198 -22.80 -23.21 22.48
N GLY B 199 -22.21 -24.41 22.38
CA GLY B 199 -20.93 -24.63 21.69
C GLY B 199 -19.90 -25.40 22.51
N SER B 200 -18.93 -26.02 21.83
CA SER B 200 -18.03 -27.01 22.44
C SER B 200 -16.58 -26.51 22.72
N GLY B 201 -16.15 -25.41 22.12
CA GLY B 201 -14.75 -25.04 22.08
C GLY B 201 -14.13 -24.37 23.28
N GLN B 202 -12.92 -23.87 23.09
CA GLN B 202 -12.16 -23.19 24.15
C GLN B 202 -12.89 -21.96 24.62
N SER B 203 -13.52 -21.21 23.70
CA SER B 203 -14.24 -19.97 24.07
C SER B 203 -15.43 -20.27 24.97
N ALA B 204 -16.23 -21.25 24.55
CA ALA B 204 -17.36 -21.74 25.35
C ALA B 204 -16.93 -22.08 26.77
N ALA B 205 -15.85 -22.86 26.87
CA ALA B 205 -15.38 -23.32 28.17
C ALA B 205 -14.90 -22.17 29.03
N GLU B 206 -14.14 -21.24 28.44
CA GLU B 206 -13.63 -20.09 29.18
C GLU B 206 -14.77 -19.23 29.73
N ILE B 207 -15.80 -19.05 28.91
CA ILE B 207 -16.99 -18.33 29.30
C ILE B 207 -17.72 -19.09 30.39
N TYR B 208 -17.95 -20.38 30.18
CA TYR B 208 -18.64 -21.20 31.18
C TYR B 208 -17.96 -21.14 32.54
N TYR B 209 -16.64 -21.26 32.54
CA TYR B 209 -15.86 -21.12 33.76
C TYR B 209 -16.01 -19.73 34.38
N ASP B 210 -16.00 -18.69 33.54
CA ASP B 210 -16.09 -17.31 34.01
C ASP B 210 -17.42 -17.08 34.73
N LEU B 211 -18.50 -17.55 34.12
CA LEU B 211 -19.84 -17.42 34.69
C LEU B 211 -20.04 -18.30 35.92
N LEU B 212 -19.50 -19.52 35.88
CA LEU B 212 -19.59 -20.47 37.01
C LEU B 212 -18.96 -19.90 38.28
N THR B 213 -17.88 -19.15 38.11
CA THR B 213 -17.23 -18.43 39.20
C THR B 213 -18.19 -17.59 40.02
N ASP B 214 -19.14 -16.92 39.36
CA ASP B 214 -20.09 -16.03 40.05
C ASP B 214 -21.51 -16.60 40.16
N ILE B 215 -21.67 -17.92 40.04
CA ILE B 215 -23.01 -18.51 40.11
C ILE B 215 -23.62 -18.33 41.50
N ASP B 216 -22.80 -18.44 42.54
CA ASP B 216 -23.14 -18.08 43.94
C ASP B 216 -23.60 -16.64 44.15
N ARG B 217 -22.95 -15.74 43.44
CA ARG B 217 -23.07 -14.31 43.66
C ARG B 217 -24.33 -13.73 43.01
N PHE B 218 -24.66 -14.18 41.80
CA PHE B 218 -25.90 -13.78 41.13
C PHE B 218 -26.86 -14.96 41.16
N GLY B 219 -28.06 -14.76 40.66
CA GLY B 219 -29.07 -15.83 40.72
C GLY B 219 -28.79 -17.08 39.89
N TYR B 220 -28.04 -16.92 38.79
CA TYR B 220 -28.40 -17.61 37.55
C TYR B 220 -28.28 -19.12 37.52
N GLN B 221 -29.15 -19.72 36.71
CA GLN B 221 -28.94 -21.06 36.20
C GLN B 221 -27.89 -20.94 35.11
N LEU B 222 -26.97 -21.90 35.06
CA LEU B 222 -25.88 -21.86 34.11
C LEU B 222 -25.81 -23.18 33.35
N ASN B 223 -26.23 -23.12 32.08
CA ASN B 223 -26.32 -24.30 31.24
C ASN B 223 -25.23 -24.31 30.18
N TRP B 224 -24.93 -25.51 29.68
CA TRP B 224 -23.95 -25.69 28.62
C TRP B 224 -24.46 -26.81 27.72
N ILE B 225 -24.74 -26.48 26.47
CA ILE B 225 -25.23 -27.46 25.51
C ILE B 225 -24.26 -27.48 24.37
N THR B 226 -23.91 -28.68 23.89
CA THR B 226 -22.98 -28.81 22.75
C THR B 226 -23.42 -29.91 21.79
N ARG B 227 -23.12 -29.73 20.51
CA ARG B 227 -23.33 -30.77 19.50
C ARG B 227 -22.26 -31.87 19.63
N ALA B 228 -21.09 -31.50 20.13
CA ALA B 228 -19.98 -32.43 20.30
C ALA B 228 -20.39 -33.63 21.15
N PRO B 229 -19.82 -34.82 20.85
CA PRO B 229 -20.16 -36.03 21.61
C PRO B 229 -19.72 -35.99 23.09
N ARG B 230 -18.61 -35.31 23.37
CA ARG B 230 -18.11 -35.10 24.70
C ARG B 230 -17.58 -33.67 24.78
N PHE B 231 -17.16 -33.26 25.97
CA PHE B 231 -16.40 -32.02 26.12
C PHE B 231 -14.93 -32.36 25.94
N TYR B 232 -14.56 -32.64 24.68
CA TYR B 232 -13.26 -33.23 24.39
C TYR B 232 -12.13 -32.25 24.63
N PRO B 233 -11.03 -32.72 25.21
CA PRO B 233 -9.87 -31.85 25.33
C PRO B 233 -9.10 -31.71 24.02
N LEU B 234 -8.35 -30.63 23.92
CA LEU B 234 -7.40 -30.40 22.84
C LEU B 234 -6.28 -31.40 23.08
N GLU B 235 -5.93 -32.20 22.06
CA GLU B 235 -4.85 -33.18 22.21
C GLU B 235 -3.45 -32.54 22.20
N TYR B 236 -2.78 -32.61 23.33
CA TYR B 236 -1.52 -31.86 23.58
C TYR B 236 -0.33 -32.75 23.95
N THR B 237 -0.49 -34.06 23.81
CA THR B 237 0.57 -35.02 24.05
C THR B 237 1.58 -34.88 22.93
N LYS B 238 2.86 -34.99 23.27
CA LYS B 238 3.95 -34.52 22.41
C LYS B 238 4.11 -35.27 21.09
N LEU B 239 3.76 -36.55 21.07
CA LEU B 239 3.78 -37.30 19.80
C LEU B 239 2.72 -36.79 18.82
N THR B 240 1.56 -36.36 19.32
CA THR B 240 0.53 -35.72 18.47
C THR B 240 0.93 -34.29 18.05
N LEU B 241 1.62 -33.55 18.92
CA LEU B 241 2.12 -32.21 18.54
C LEU B 241 3.06 -32.23 17.31
N GLU B 242 3.76 -33.35 17.09
CA GLU B 242 4.54 -33.56 15.86
C GLU B 242 3.72 -33.52 14.57
N MET B 243 2.41 -33.64 14.66
CA MET B 243 1.55 -33.46 13.48
C MET B 243 1.46 -31.99 13.07
N THR B 244 1.79 -31.04 13.96
CA THR B 244 1.90 -29.63 13.57
C THR B 244 3.34 -29.45 13.10
N SER B 245 3.58 -29.88 11.88
CA SER B 245 4.91 -29.92 11.33
C SER B 245 4.86 -29.85 9.82
N PRO B 246 5.92 -29.32 9.21
CA PRO B 246 6.01 -29.28 7.76
C PRO B 246 5.75 -30.64 7.11
N GLU B 247 6.28 -31.71 7.71
CA GLU B 247 6.17 -33.04 7.10
C GLU B 247 4.73 -33.51 7.09
N TRP B 248 4.01 -33.25 8.17
CA TRP B 248 2.60 -33.59 8.22
C TRP B 248 1.79 -32.78 7.21
N ILE B 249 2.12 -31.50 7.05
CA ILE B 249 1.36 -30.63 6.17
C ILE B 249 1.53 -31.09 4.72
N ASP B 250 2.76 -31.46 4.35
CA ASP B 250 3.02 -32.03 3.02
C ASP B 250 2.19 -33.28 2.82
N TYR B 251 2.16 -34.13 3.84
CA TYR B 251 1.38 -35.37 3.81
C TYR B 251 -0.09 -35.07 3.60
N PHE B 252 -0.63 -34.17 4.43
CA PHE B 252 -2.05 -33.79 4.38
C PHE B 252 -2.48 -33.23 3.03
N HIS B 253 -1.60 -32.47 2.40
CA HIS B 253 -1.94 -31.68 1.22
C HIS B 253 -1.93 -32.58 -0.02
N SER B 254 -1.35 -33.79 0.09
CA SER B 254 -1.27 -34.74 -1.03
C SER B 254 -2.42 -35.75 -1.02
N LEU B 255 -3.22 -35.72 0.06
CA LEU B 255 -4.39 -36.57 0.21
C LEU B 255 -5.56 -36.03 -0.63
N PRO B 256 -6.29 -36.89 -1.37
CA PRO B 256 -7.40 -36.42 -2.22
C PRO B 256 -8.36 -35.46 -1.56
N ALA B 257 -8.89 -34.51 -2.34
CA ALA B 257 -9.77 -33.44 -1.82
C ALA B 257 -10.87 -33.93 -0.86
N ALA B 258 -11.55 -35.02 -1.23
CA ALA B 258 -12.61 -35.62 -0.40
C ALA B 258 -12.08 -36.16 0.93
N LYS B 259 -10.89 -36.75 0.90
CA LYS B 259 -10.24 -37.29 2.09
C LYS B 259 -9.87 -36.20 3.10
N ARG B 260 -9.35 -35.09 2.60
CA ARG B 260 -8.95 -33.97 3.46
C ARG B 260 -10.13 -33.38 4.24
N ASP B 261 -11.28 -33.26 3.58
CA ASP B 261 -12.49 -32.70 4.22
C ASP B 261 -13.03 -33.62 5.30
N GLU B 262 -13.00 -34.93 5.05
CA GLU B 262 -13.37 -35.91 6.08
C GLU B 262 -12.38 -35.92 7.25
N LEU B 263 -11.08 -35.71 6.97
CA LEU B 263 -10.08 -35.55 8.03
C LEU B 263 -10.33 -34.32 8.91
N ASN B 264 -10.72 -33.20 8.31
CA ASN B 264 -10.92 -31.95 9.07
C ASN B 264 -12.12 -31.99 10.03
N ALA B 265 -13.15 -32.75 9.69
CA ALA B 265 -14.27 -33.03 10.59
C ALA B 265 -14.00 -34.08 11.68
N SER B 266 -13.11 -35.04 11.44
CA SER B 266 -12.74 -36.04 12.45
C SER B 266 -11.54 -35.68 13.34
N GLN B 267 -10.88 -34.55 13.06
CA GLN B 267 -9.65 -34.14 13.76
C GLN B 267 -9.92 -32.85 14.53
N LYS B 268 -11.13 -32.72 15.08
CA LYS B 268 -11.46 -31.54 15.88
C LYS B 268 -10.80 -31.53 17.28
N ASN B 269 -10.45 -32.71 17.83
CA ASN B 269 -9.60 -32.74 19.05
C ASN B 269 -8.21 -32.11 18.86
N LEU B 270 -7.72 -32.05 17.62
CA LEU B 270 -6.39 -31.49 17.33
C LEU B 270 -6.36 -29.95 17.27
N TYR B 271 -7.49 -29.29 17.03
CA TYR B 271 -7.54 -27.82 16.97
C TYR B 271 -8.75 -27.11 17.65
N LYS B 272 -9.93 -27.75 17.64
CA LYS B 272 -11.15 -27.16 18.21
C LYS B 272 -11.47 -27.66 19.66
N GLY B 273 -10.48 -28.20 20.37
CA GLY B 273 -10.70 -28.73 21.72
C GLY B 273 -10.57 -27.70 22.83
N ILE B 274 -10.95 -28.11 24.03
CA ILE B 274 -10.77 -27.31 25.24
C ILE B 274 -9.45 -27.70 25.91
N ASN B 275 -8.76 -26.73 26.49
CA ASN B 275 -7.50 -27.00 27.18
C ASN B 275 -7.82 -27.90 28.38
N SER B 276 -7.12 -29.03 28.49
CA SER B 276 -7.45 -30.06 29.49
C SER B 276 -7.45 -29.53 30.93
N SER B 277 -6.54 -28.61 31.26
CA SER B 277 -6.54 -27.96 32.57
C SER B 277 -7.86 -27.29 32.89
N LEU B 278 -8.45 -26.66 31.86
CA LEU B 278 -9.69 -25.92 32.02
C LEU B 278 -10.87 -26.85 32.21
N ILE B 279 -10.97 -27.91 31.40
CA ILE B 279 -12.01 -28.91 31.63
C ILE B 279 -11.97 -29.37 33.09
N ASN B 280 -10.79 -29.76 33.54
CA ASN B 280 -10.62 -30.21 34.91
C ASN B 280 -10.90 -29.12 35.95
N ALA B 281 -10.54 -27.87 35.63
CA ALA B 281 -10.86 -26.75 36.53
C ALA B 281 -12.36 -26.51 36.66
N ILE B 282 -13.09 -26.73 35.57
CA ILE B 282 -14.54 -26.65 35.56
C ILE B 282 -15.15 -27.77 36.42
N TYR B 283 -14.69 -29.01 36.28
CA TYR B 283 -15.18 -30.10 37.13
C TYR B 283 -14.88 -29.79 38.59
N ASP B 284 -13.66 -29.38 38.88
CA ASP B 284 -13.26 -29.06 40.25
C ASP B 284 -14.08 -27.90 40.83
N LEU B 285 -14.48 -26.94 40.00
CA LEU B 285 -15.28 -25.82 40.48
C LEU B 285 -16.74 -26.21 40.68
N LEU B 286 -17.31 -27.02 39.78
CA LEU B 286 -18.63 -27.63 40.03
C LEU B 286 -18.64 -28.40 41.35
N TYR B 287 -17.62 -29.24 41.55
CA TYR B 287 -17.44 -29.95 42.82
C TYR B 287 -17.47 -28.97 44.01
N VAL B 288 -16.63 -27.94 44.00
CA VAL B 288 -16.54 -27.00 45.14
C VAL B 288 -17.83 -26.21 45.38
N LYS B 289 -18.46 -25.75 44.31
CA LYS B 289 -19.71 -25.01 44.44
C LYS B 289 -20.78 -25.92 45.01
N GLN B 290 -20.81 -27.18 44.56
CA GLN B 290 -21.84 -28.14 44.99
C GLN B 290 -21.81 -28.42 46.51
N LEU B 291 -20.72 -28.10 47.19
CA LEU B 291 -20.66 -28.28 48.62
C LEU B 291 -21.66 -27.43 49.43
N ASP B 292 -22.19 -26.34 48.86
CA ASP B 292 -23.19 -25.49 49.55
C ASP B 292 -24.64 -25.87 49.28
N GLY B 293 -24.87 -26.62 48.21
CA GLY B 293 -26.21 -27.07 47.86
C GLY B 293 -26.15 -27.72 46.51
N LYS B 294 -27.27 -28.30 46.07
CA LYS B 294 -27.39 -28.76 44.69
C LYS B 294 -27.27 -27.52 43.78
N LEU B 295 -26.37 -27.60 42.80
CA LEU B 295 -26.13 -26.53 41.85
C LEU B 295 -27.21 -26.51 40.81
N ASP B 296 -27.55 -25.30 40.35
CA ASP B 296 -28.50 -25.16 39.27
C ASP B 296 -27.73 -25.03 37.96
N VAL B 297 -27.28 -26.18 37.45
CA VAL B 297 -26.58 -26.29 36.19
C VAL B 297 -27.07 -27.49 35.40
N ASN B 298 -26.98 -27.39 34.07
CA ASN B 298 -27.29 -28.50 33.18
C ASN B 298 -26.23 -28.51 32.10
N LEU B 299 -25.82 -29.71 31.70
CA LEU B 299 -24.80 -29.89 30.69
C LEU B 299 -25.26 -30.99 29.77
N PHE B 300 -25.55 -30.66 28.51
CA PHE B 300 -25.93 -31.65 27.51
C PHE B 300 -24.87 -31.82 26.43
N THR B 301 -24.84 -32.99 25.82
CA THR B 301 -23.90 -33.31 24.74
C THR B 301 -24.68 -33.92 23.58
N HIS B 302 -24.00 -34.21 22.48
CA HIS B 302 -24.62 -34.79 21.28
C HIS B 302 -25.81 -33.99 20.72
N SER B 303 -25.96 -32.73 21.13
CA SER B 303 -27.22 -32.00 20.93
C SER B 303 -27.12 -30.92 19.86
N GLU B 304 -27.74 -31.17 18.72
CA GLU B 304 -27.79 -30.20 17.63
C GLU B 304 -28.96 -29.27 17.87
N LEU B 305 -28.73 -27.97 17.67
CA LEU B 305 -29.79 -26.97 17.67
C LEU B 305 -30.56 -27.01 16.34
N THR B 306 -31.79 -27.49 16.37
CA THR B 306 -32.64 -27.57 15.16
C THR B 306 -33.40 -26.27 14.89
N ASP B 307 -33.94 -25.66 15.94
CA ASP B 307 -34.68 -24.40 15.83
C ASP B 307 -34.64 -23.64 17.15
N MET B 308 -34.96 -22.36 17.10
CA MET B 308 -35.14 -21.54 18.30
C MET B 308 -36.22 -20.51 18.08
N ARG B 309 -36.68 -19.94 19.19
CA ARG B 309 -37.75 -18.98 19.18
C ARG B 309 -37.82 -18.25 20.49
N TRP B 310 -38.25 -16.99 20.42
CA TRP B 310 -38.35 -16.11 21.58
C TRP B 310 -39.80 -16.00 21.99
N LEU B 311 -40.08 -16.26 23.26
CA LEU B 311 -41.44 -16.28 23.78
C LEU B 311 -41.78 -14.94 24.43
N ALA B 312 -43.07 -14.59 24.42
CA ALA B 312 -43.58 -13.39 25.10
C ALA B 312 -43.20 -13.34 26.58
N GLU B 313 -43.25 -14.50 27.25
CA GLU B 313 -42.75 -14.68 28.62
C GLU B 313 -41.42 -13.96 28.94
N GLY B 314 -40.50 -13.92 27.98
CA GLY B 314 -39.17 -13.32 28.15
C GLY B 314 -38.04 -14.35 28.19
N GLU B 315 -38.14 -15.37 27.34
CA GLU B 315 -37.24 -16.54 27.35
C GLU B 315 -37.08 -17.08 25.94
N PHE B 316 -35.91 -17.65 25.64
CA PHE B 316 -35.75 -18.50 24.46
C PHE B 316 -36.31 -19.90 24.72
N GLU B 317 -36.77 -20.54 23.66
CA GLU B 317 -37.02 -21.97 23.66
C GLU B 317 -36.13 -22.60 22.59
N LEU B 318 -35.06 -23.25 23.04
CA LEU B 318 -34.15 -23.99 22.17
C LEU B 318 -34.72 -25.36 21.89
N LYS B 319 -35.01 -25.65 20.62
CA LYS B 319 -35.31 -27.02 20.19
C LYS B 319 -34.00 -27.69 19.83
N LEU B 320 -33.76 -28.85 20.44
CA LEU B 320 -32.51 -29.58 20.27
C LEU B 320 -32.80 -31.01 19.83
N HIS B 321 -31.84 -31.60 19.12
CA HIS B 321 -31.92 -32.99 18.71
C HIS B 321 -30.67 -33.72 19.19
N GLN B 322 -30.87 -34.73 20.04
CA GLN B 322 -29.78 -35.52 20.64
C GLN B 322 -29.46 -36.65 19.64
N GLN B 323 -28.39 -36.46 18.86
CA GLN B 323 -28.12 -37.24 17.63
C GLN B 323 -27.78 -38.70 17.89
N GLU B 324 -27.16 -38.98 19.03
CA GLU B 324 -26.77 -40.33 19.40
C GLU B 324 -28.00 -41.15 19.73
N GLN B 325 -28.79 -40.63 20.67
CA GLN B 325 -30.05 -41.26 21.06
C GLN B 325 -31.10 -41.19 19.95
N ASP B 326 -30.99 -40.19 19.08
CA ASP B 326 -31.94 -39.90 17.99
C ASP B 326 -33.31 -39.51 18.57
N ARG B 327 -33.28 -38.50 19.44
CA ARG B 327 -34.50 -38.01 20.11
C ARG B 327 -34.46 -36.49 20.34
N ALA B 328 -35.57 -35.83 20.02
CA ALA B 328 -35.68 -34.37 20.13
C ALA B 328 -36.09 -33.96 21.54
N TYR B 329 -35.72 -32.74 21.92
CA TYR B 329 -36.10 -32.17 23.21
C TYR B 329 -35.94 -30.65 23.22
N SER B 330 -36.66 -29.98 24.11
CA SER B 330 -36.61 -28.51 24.23
C SER B 330 -36.01 -28.09 25.57
N ARG B 331 -35.45 -26.89 25.59
CA ARG B 331 -34.79 -26.32 26.76
C ARG B 331 -35.08 -24.82 26.76
N ARG B 332 -35.09 -24.20 27.93
CA ARG B 332 -35.39 -22.77 28.02
C ARG B 332 -34.25 -22.01 28.63
N THR B 333 -34.09 -20.76 28.22
CA THR B 333 -33.06 -19.89 28.78
C THR B 333 -33.37 -18.41 28.47
N GLU B 334 -32.98 -17.51 29.38
CA GLU B 334 -33.15 -16.07 29.14
C GLU B 334 -31.96 -15.59 28.36
N GLY B 335 -30.77 -15.76 28.94
CA GLY B 335 -29.50 -15.40 28.31
C GLY B 335 -29.00 -16.55 27.47
N LEU B 336 -28.37 -16.22 26.35
CA LEU B 336 -27.85 -17.22 25.43
C LEU B 336 -26.51 -16.73 24.90
N VAL B 337 -25.45 -17.44 25.22
CA VAL B 337 -24.12 -17.14 24.67
C VAL B 337 -23.87 -18.14 23.56
N MET B 338 -23.75 -17.63 22.34
CA MET B 338 -23.50 -18.45 21.17
C MET B 338 -21.97 -18.53 20.92
N ALA B 339 -21.32 -19.52 21.52
CA ALA B 339 -19.88 -19.75 21.38
C ALA B 339 -19.62 -20.76 20.27
N THR B 340 -20.11 -20.43 19.09
CA THR B 340 -20.10 -21.33 17.95
C THR B 340 -18.93 -21.05 17.00
N GLY B 341 -17.99 -20.21 17.44
CA GLY B 341 -16.76 -19.98 16.69
C GLY B 341 -16.93 -19.14 15.44
N TYR B 342 -16.03 -19.36 14.47
CA TYR B 342 -15.83 -18.50 13.31
C TYR B 342 -15.84 -19.32 12.01
N HIS B 343 -16.16 -18.67 10.90
CA HIS B 343 -16.10 -19.30 9.57
C HIS B 343 -15.42 -18.34 8.60
N TYR B 344 -14.54 -18.81 7.73
CA TYR B 344 -13.99 -17.94 6.68
C TYR B 344 -14.90 -17.95 5.48
N GLN B 345 -15.21 -16.78 4.94
CA GLN B 345 -15.74 -16.67 3.59
C GLN B 345 -15.02 -15.52 2.87
N PRO B 346 -14.74 -15.72 1.57
CA PRO B 346 -13.87 -14.79 0.83
C PRO B 346 -14.45 -13.37 0.85
N PRO B 347 -13.63 -12.34 1.23
CA PRO B 347 -14.17 -11.00 1.36
C PRO B 347 -14.69 -10.38 0.05
N ALA B 348 -15.48 -9.32 0.21
CA ALA B 348 -16.16 -8.71 -0.92
C ALA B 348 -15.22 -8.37 -2.06
N PHE B 349 -14.05 -7.78 -1.74
CA PHE B 349 -13.09 -7.33 -2.75
C PHE B 349 -12.55 -8.40 -3.71
N VAL B 350 -12.57 -9.65 -3.29
CA VAL B 350 -12.08 -10.76 -4.10
C VAL B 350 -12.92 -11.00 -5.38
N GLU B 351 -14.17 -10.51 -5.42
CA GLU B 351 -14.98 -10.51 -6.65
C GLU B 351 -14.24 -10.02 -7.88
N GLY B 352 -13.44 -8.97 -7.72
CA GLY B 352 -12.67 -8.40 -8.82
C GLY B 352 -11.53 -9.23 -9.40
N ILE B 353 -11.13 -10.30 -8.70
CA ILE B 353 -10.11 -11.21 -9.21
C ILE B 353 -10.59 -12.66 -9.22
N GLN B 354 -11.89 -12.88 -9.41
CA GLN B 354 -12.46 -14.23 -9.45
C GLN B 354 -11.86 -15.07 -10.56
N GLN B 355 -11.81 -14.53 -11.77
CA GLN B 355 -11.23 -15.24 -12.91
C GLN B 355 -9.72 -15.61 -12.71
N ARG B 356 -9.00 -14.88 -11.88
CA ARG B 356 -7.56 -15.12 -11.62
C ARG B 356 -7.27 -16.15 -10.51
N ILE B 357 -8.32 -16.63 -9.82
CA ILE B 357 -8.20 -17.49 -8.66
C ILE B 357 -8.57 -18.93 -9.05
N GLN B 358 -7.81 -19.90 -8.54
CA GLN B 358 -8.11 -21.32 -8.75
C GLN B 358 -9.17 -21.74 -7.74
N TRP B 359 -10.33 -22.16 -8.22
CA TRP B 359 -11.40 -22.64 -7.35
C TRP B 359 -11.49 -24.16 -7.45
N ASP B 360 -11.80 -24.82 -6.32
CA ASP B 360 -11.96 -26.28 -6.29
C ASP B 360 -13.44 -26.64 -6.44
N GLU B 361 -13.74 -27.93 -6.37
CA GLU B 361 -15.11 -28.47 -6.59
C GLU B 361 -16.20 -27.89 -5.70
N LYS B 362 -15.85 -27.39 -4.51
CA LYS B 362 -16.83 -26.83 -3.56
C LYS B 362 -16.83 -25.28 -3.49
N ASP B 363 -16.29 -24.61 -4.51
CA ASP B 363 -16.23 -23.13 -4.58
C ASP B 363 -15.47 -22.47 -3.41
N ARG B 364 -14.40 -23.10 -2.94
CA ARG B 364 -13.45 -22.45 -2.03
C ARG B 364 -12.14 -22.36 -2.80
N TYR B 365 -11.17 -21.65 -2.22
CA TYR B 365 -9.89 -21.50 -2.87
C TYR B 365 -9.21 -22.87 -3.02
N ASP B 366 -8.78 -23.22 -4.23
CA ASP B 366 -7.94 -24.41 -4.42
C ASP B 366 -6.49 -24.05 -4.12
N VAL B 367 -6.16 -24.05 -2.82
CA VAL B 367 -4.89 -23.50 -2.35
C VAL B 367 -3.74 -24.45 -2.70
N GLN B 368 -2.63 -23.88 -3.18
CA GLN B 368 -1.44 -24.67 -3.53
C GLN B 368 -0.59 -24.82 -2.28
N ARG B 369 0.47 -25.63 -2.37
CA ARG B 369 1.27 -25.95 -1.17
C ARG B 369 2.01 -24.74 -0.65
N ASN B 370 2.34 -23.79 -1.54
CA ASN B 370 2.97 -22.52 -1.12
C ASN B 370 1.96 -21.44 -0.66
N TYR B 371 0.71 -21.84 -0.38
CA TYR B 371 -0.35 -20.95 0.14
C TYR B 371 -0.89 -19.97 -0.91
N SER B 372 -0.61 -20.22 -2.19
CA SER B 372 -1.06 -19.37 -3.28
C SER B 372 -2.42 -19.84 -3.81
N ILE B 373 -3.24 -18.90 -4.27
CA ILE B 373 -4.58 -19.21 -4.81
C ILE B 373 -4.76 -18.83 -6.29
N ASP B 374 -3.72 -18.24 -6.88
CA ASP B 374 -3.74 -17.90 -8.30
C ASP B 374 -2.91 -18.92 -9.07
N ARG B 375 -2.78 -18.69 -10.37
CA ARG B 375 -2.04 -19.58 -11.26
C ARG B 375 -0.58 -19.16 -11.50
N HIS B 376 -0.09 -18.15 -10.76
CA HIS B 376 1.26 -17.60 -10.98
C HIS B 376 2.05 -17.23 -9.71
N ASN B 377 1.67 -17.75 -8.54
CA ASN B 377 2.36 -17.48 -7.26
C ASN B 377 2.45 -15.99 -6.91
N GLN B 378 1.29 -15.34 -6.97
CA GLN B 378 1.16 -13.91 -6.67
C GLN B 378 0.10 -13.54 -5.61
N VAL B 379 -0.98 -14.31 -5.51
CA VAL B 379 -2.02 -14.05 -4.53
C VAL B 379 -1.93 -15.16 -3.51
N PHE B 380 -1.53 -14.80 -2.28
CA PHE B 380 -1.38 -15.77 -1.19
C PHE B 380 -2.43 -15.58 -0.12
N VAL B 381 -2.62 -16.59 0.71
CA VAL B 381 -3.57 -16.49 1.81
C VAL B 381 -2.95 -16.95 3.13
N GLN B 382 -3.35 -16.32 4.23
CA GLN B 382 -2.96 -16.70 5.59
C GLN B 382 -4.27 -17.10 6.26
N ASN B 383 -4.37 -18.34 6.75
CA ASN B 383 -5.55 -18.79 7.49
C ASN B 383 -6.85 -18.80 6.66
N ALA B 384 -6.81 -19.23 5.41
CA ALA B 384 -8.05 -19.64 4.70
C ALA B 384 -7.85 -20.94 3.92
N GLU B 385 -6.91 -21.76 4.42
CA GLU B 385 -6.47 -22.99 3.75
C GLU B 385 -6.65 -24.22 4.64
N LEU B 386 -7.52 -24.13 5.66
CA LEU B 386 -7.87 -25.28 6.53
C LEU B 386 -8.32 -26.53 5.74
N HIS B 387 -9.04 -26.29 4.65
CA HIS B 387 -9.57 -27.37 3.80
C HIS B 387 -8.52 -28.09 2.95
N THR B 388 -7.36 -27.48 2.76
CA THR B 388 -6.25 -28.05 1.95
C THR B 388 -4.90 -28.23 2.68
N HIS B 389 -4.68 -27.53 3.80
CA HIS B 389 -3.46 -27.68 4.62
C HIS B 389 -3.71 -28.24 6.02
N GLY B 390 -4.97 -28.46 6.37
CA GLY B 390 -5.35 -29.25 7.54
C GLY B 390 -5.50 -28.45 8.82
N PHE B 391 -5.62 -29.17 9.93
CA PHE B 391 -5.88 -28.59 11.26
C PHE B 391 -4.84 -27.56 11.79
N VAL B 392 -3.68 -27.43 11.11
CA VAL B 392 -2.60 -26.56 11.63
C VAL B 392 -2.73 -25.09 11.26
N THR B 393 -3.79 -24.74 10.52
CA THR B 393 -3.93 -23.44 9.85
C THR B 393 -4.16 -22.25 10.83
N PRO B 394 -5.11 -22.34 11.79
CA PRO B 394 -5.26 -21.25 12.77
C PRO B 394 -4.19 -21.17 13.88
N ASP B 395 -3.21 -22.07 13.88
CA ASP B 395 -2.18 -22.16 14.92
C ASP B 395 -1.21 -20.99 14.78
N LEU B 396 -1.08 -20.19 15.83
CA LEU B 396 0.00 -19.19 15.91
C LEU B 396 1.38 -19.84 15.84
N GLY B 397 1.48 -21.08 16.30
CA GLY B 397 2.69 -21.89 16.22
C GLY B 397 3.21 -22.19 14.83
N MET B 398 2.36 -22.14 13.82
CA MET B 398 2.81 -22.33 12.43
C MET B 398 2.72 -21.05 11.57
N ALA B 399 2.70 -19.90 12.26
CA ALA B 399 2.61 -18.62 11.61
C ALA B 399 3.95 -18.27 10.99
N CYS B 400 5.03 -18.43 11.76
CA CYS B 400 6.39 -18.22 11.23
C CYS B 400 6.76 -19.20 10.11
N TYR B 401 6.32 -20.46 10.21
CA TYR B 401 6.55 -21.41 9.11
C TYR B 401 5.93 -20.84 7.82
N ARG B 402 4.63 -20.54 7.87
CA ARG B 402 3.92 -20.07 6.68
C ARG B 402 4.52 -18.75 6.16
N ASN B 403 4.74 -17.80 7.05
CA ASN B 403 5.38 -16.53 6.69
C ASN B 403 6.75 -16.73 6.04
N SER B 404 7.51 -17.70 6.53
CA SER B 404 8.82 -18.01 5.95
C SER B 404 8.77 -18.56 4.53
N VAL B 405 7.70 -19.30 4.18
CA VAL B 405 7.57 -19.82 2.80
C VAL B 405 6.97 -18.75 1.89
N LEU B 406 6.13 -17.89 2.47
CA LEU B 406 5.63 -16.74 1.73
C LEU B 406 6.79 -15.87 1.35
N LEU B 407 7.67 -15.57 2.30
CA LEU B 407 8.84 -14.74 2.00
C LEU B 407 9.75 -15.39 0.96
N ARG B 408 9.85 -16.71 0.97
CA ARG B 408 10.64 -17.43 -0.05
C ARG B 408 10.05 -17.28 -1.45
N GLU B 409 8.73 -17.30 -1.57
CA GLU B 409 8.08 -17.11 -2.86
C GLU B 409 8.17 -15.66 -3.33
N ILE B 410 7.83 -14.74 -2.43
CA ILE B 410 7.87 -13.30 -2.70
C ILE B 410 9.26 -12.88 -3.15
N THR B 411 10.27 -13.11 -2.32
CA THR B 411 11.66 -12.90 -2.75
C THR B 411 12.13 -14.27 -3.04
N GLY B 412 12.68 -14.52 -4.23
CA GLY B 412 13.09 -15.89 -4.62
C GLY B 412 14.09 -16.65 -3.73
N ARG B 413 14.90 -15.94 -2.95
CA ARG B 413 15.79 -16.58 -1.96
C ARG B 413 15.06 -17.03 -0.70
N GLU B 414 15.69 -17.95 0.04
CA GLU B 414 15.15 -18.45 1.29
C GLU B 414 15.61 -17.56 2.42
N VAL B 415 14.81 -16.56 2.75
CA VAL B 415 15.25 -15.49 3.67
C VAL B 415 15.38 -16.01 5.09
N TYR B 416 14.39 -16.76 5.55
CA TYR B 416 14.43 -17.42 6.84
C TYR B 416 14.35 -18.91 6.56
N PRO B 417 15.24 -19.71 7.18
CA PRO B 417 15.32 -21.12 6.85
C PRO B 417 14.04 -21.86 7.21
N VAL B 418 13.56 -22.67 6.29
CA VAL B 418 12.29 -23.33 6.38
C VAL B 418 12.58 -24.81 6.58
N GLU B 419 12.23 -25.32 7.77
CA GLU B 419 12.43 -26.72 8.08
C GLU B 419 11.58 -27.60 7.15
N ARG B 420 12.20 -28.62 6.61
CA ARG B 420 11.47 -29.68 5.88
C ARG B 420 11.08 -30.84 6.78
N GLN B 421 11.74 -30.97 7.93
CA GLN B 421 11.67 -32.20 8.73
C GLN B 421 12.05 -31.97 10.19
N ILE B 422 11.05 -31.88 11.06
CA ILE B 422 11.22 -31.69 12.51
C ILE B 422 10.88 -32.90 13.37
N ALA B 423 10.23 -33.92 12.81
CA ALA B 423 9.52 -34.94 13.60
C ALA B 423 10.16 -36.33 13.57
N PHE B 424 10.17 -37.01 14.72
CA PHE B 424 10.61 -38.41 14.81
C PHE B 424 9.73 -39.42 14.05
N GLN B 425 8.44 -39.16 13.97
CA GLN B 425 7.53 -40.02 13.21
C GLN B 425 7.69 -39.86 11.72
N THR B 426 7.24 -40.86 10.99
CA THR B 426 7.03 -40.78 9.56
C THR B 426 5.54 -40.92 9.32
N PHE B 427 4.93 -39.91 8.72
CA PHE B 427 3.49 -39.91 8.44
C PHE B 427 3.05 -40.64 7.19
N PRO B 428 3.70 -40.39 6.04
CA PRO B 428 3.27 -41.14 4.85
C PRO B 428 3.79 -42.57 4.85
N ALA B 429 3.20 -43.40 4.01
CA ALA B 429 3.76 -44.72 3.70
C ALA B 429 5.19 -44.52 3.21
N GLN B 430 6.06 -45.46 3.56
CA GLN B 430 7.47 -45.41 3.16
C GLN B 430 8.12 -46.77 3.31
N SER B 431 8.39 -47.42 2.19
CA SER B 431 9.04 -48.74 2.19
C SER B 431 10.52 -48.66 2.58
N GLU B 432 11.04 -49.76 3.10
CA GLU B 432 12.44 -49.85 3.47
C GLU B 432 13.23 -50.34 2.24
N MET B 433 14.22 -49.54 1.82
CA MET B 433 15.11 -49.81 0.65
C MET B 433 14.36 -49.97 -0.68
#